data_6L1L
#
_entry.id   6L1L
#
_cell.length_a   73.220
_cell.length_b   59.440
_cell.length_c   84.230
_cell.angle_alpha   90.000
_cell.angle_beta   101.780
_cell.angle_gamma   90.000
#
_symmetry.space_group_name_H-M   'P 1 21 1'
#
loop_
_entity.id
_entity.type
_entity.pdbx_description
1 polymer Aminotransferase
2 non-polymer "PYRIDOXAL-5'-PHOSPHATE"
3 water water
#
_entity_poly.entity_id   1
_entity_poly.type   'polypeptide(L)'
_entity_poly.pdbx_seq_one_letter_code
;MEITPSDVIKTLPRQEFSLVFQKVKEMEKTGAHIINLGQGNPDLPTPPHIVEALREASLNPSFHGYGPFRGYPFLKEAIA
AFYKREYGVTINPETEVALFGGGKAGLYVLTQCLLNPGDIALVPNPGYPEYLSGITMARAELYEMPLYEENGYLPDFEKI
DPAVLEKAKLMFLNYPNNPTGAVADAAFYAKAAAFAKEHNIHLIHDFAYGAFEFDQKPASFLEAEDAKTVGAELYSFSKT
FNMAGWRMAFAVGNEKIIQAVNEFQDHVFVGMFGGLQQAASAALSGDPEHTESLKRIYKERIDFFTALCEKELGWKMEKP
KGTFYVWAEIPNTFETSHQFSDYLLEHAHVVVTPGEIFGSNGKRHVRISMVSKQEDLREFVTRIQKLNLPFGSLQETSR
;
_entity_poly.pdbx_strand_id   A,B
#
# COMPACT_ATOMS: atom_id res chain seq x y z
N MET A 1 -28.98 -2.91 -1.25
CA MET A 1 -28.26 -2.39 -2.47
C MET A 1 -26.90 -1.79 -2.11
N GLU A 2 -25.85 -2.60 -2.25
CA GLU A 2 -24.50 -2.10 -2.07
C GLU A 2 -24.05 -1.49 -3.38
N ILE A 3 -23.54 -0.27 -3.31
CA ILE A 3 -23.21 0.57 -4.44
C ILE A 3 -21.70 0.90 -4.51
N THR A 4 -21.00 0.22 -5.40
CA THR A 4 -19.64 0.58 -5.77
C THR A 4 -19.60 1.93 -6.47
N PRO A 5 -18.45 2.65 -6.44
CA PRO A 5 -18.30 3.93 -7.08
C PRO A 5 -17.99 3.78 -8.56
N SER A 6 -18.17 4.86 -9.29
CA SER A 6 -17.91 4.91 -10.74
C SER A 6 -16.52 4.39 -11.08
N ASP A 7 -15.52 4.73 -10.26
CA ASP A 7 -14.14 4.23 -10.41
C ASP A 7 -14.05 2.71 -10.52
N VAL A 8 -14.61 2.03 -9.53
CA VAL A 8 -14.60 0.58 -9.47
C VAL A 8 -15.24 -0.06 -10.72
N ILE A 9 -16.44 0.40 -11.05
CA ILE A 9 -17.25 -0.22 -12.11
C ILE A 9 -16.65 -0.01 -13.51
N LYS A 10 -15.89 1.07 -13.68
CA LYS A 10 -15.25 1.36 -14.98
C LYS A 10 -13.88 0.69 -15.14
N THR A 11 -13.37 0.07 -14.08
CA THR A 11 -12.11 -0.66 -14.12
C THR A 11 -12.32 -2.07 -14.69
N LEU A 12 -11.29 -2.56 -15.37
CA LEU A 12 -11.29 -3.84 -16.08
C LEU A 12 -10.90 -4.93 -15.09
N PRO A 13 -11.30 -6.20 -15.33
CA PRO A 13 -10.69 -7.31 -14.54
C PRO A 13 -9.26 -7.61 -14.99
N ARG A 14 -8.36 -7.81 -14.04
CA ARG A 14 -6.96 -8.06 -14.33
C ARG A 14 -6.82 -9.44 -14.99
N GLN A 15 -6.17 -9.50 -16.15
CA GLN A 15 -6.05 -10.73 -16.95
C GLN A 15 -5.03 -11.77 -16.45
N GLU A 16 -4.08 -11.35 -15.61
CA GLU A 16 -3.00 -12.26 -15.15
C GLU A 16 -3.55 -13.27 -14.16
N ILE A 34 -0.05 -27.42 -16.51
CA ILE A 34 0.05 -26.57 -17.69
C ILE A 34 1.41 -25.92 -17.71
N ILE A 35 1.91 -25.59 -18.89
CA ILE A 35 3.16 -24.84 -19.01
C ILE A 35 2.80 -23.36 -19.08
N ASN A 36 3.21 -22.61 -18.06
CA ASN A 36 2.85 -21.20 -17.98
C ASN A 36 3.97 -20.33 -18.46
N LEU A 37 3.85 -19.88 -19.70
CA LEU A 37 4.76 -18.84 -20.21
C LEU A 37 3.97 -17.51 -20.33
N GLY A 38 2.99 -17.35 -19.44
CA GLY A 38 2.12 -16.17 -19.40
C GLY A 38 2.66 -15.13 -18.44
N GLN A 39 2.23 -15.19 -17.19
CA GLN A 39 2.68 -14.25 -16.19
C GLN A 39 4.22 -14.20 -16.15
N GLY A 40 4.75 -13.02 -15.93
CA GLY A 40 6.20 -12.81 -15.82
C GLY A 40 6.67 -13.07 -14.40
N ASN A 41 6.40 -14.28 -13.92
CA ASN A 41 6.70 -14.67 -12.56
C ASN A 41 8.03 -15.41 -12.55
N PRO A 42 9.11 -14.77 -12.03
CA PRO A 42 10.37 -15.50 -12.00
C PRO A 42 10.27 -16.84 -11.23
N ASP A 43 10.90 -17.86 -11.81
CA ASP A 43 10.87 -19.21 -11.33
C ASP A 43 12.03 -19.53 -10.37
N LEU A 44 13.07 -18.74 -10.39
CA LEU A 44 14.21 -19.00 -9.55
C LEU A 44 14.04 -18.29 -8.24
N PRO A 45 14.62 -18.83 -7.16
CA PRO A 45 14.37 -18.27 -5.85
C PRO A 45 15.13 -16.93 -5.59
N THR A 46 14.64 -16.18 -4.61
CA THR A 46 15.37 -15.07 -4.12
C THR A 46 16.76 -15.53 -3.63
N PRO A 47 17.83 -14.79 -3.96
CA PRO A 47 19.12 -15.23 -3.49
C PRO A 47 19.19 -15.30 -1.95
N PRO A 48 19.86 -16.35 -1.41
CA PRO A 48 19.98 -16.66 -0.01
C PRO A 48 20.40 -15.50 0.92
N HIS A 49 21.26 -14.61 0.45
CA HIS A 49 21.72 -13.50 1.30
C HIS A 49 20.63 -12.45 1.58
N ILE A 50 19.67 -12.38 0.68
CA ILE A 50 18.54 -11.48 0.85
C ILE A 50 17.56 -12.11 1.87
N VAL A 51 17.28 -13.39 1.71
CA VAL A 51 16.47 -14.15 2.65
C VAL A 51 17.08 -14.12 4.05
N GLU A 52 18.42 -14.26 4.14
CA GLU A 52 19.08 -14.23 5.47
C GLU A 52 18.92 -12.87 6.12
N ALA A 53 19.06 -11.82 5.32
CA ALA A 53 18.90 -10.45 5.85
C ALA A 53 17.48 -10.25 6.46
N LEU A 54 16.44 -10.72 5.76
CA LEU A 54 15.08 -10.66 6.29
C LEU A 54 14.97 -11.47 7.59
N ARG A 55 15.50 -12.71 7.55
CA ARG A 55 15.46 -13.58 8.73
C ARG A 55 16.16 -12.97 9.95
N GLU A 56 17.31 -12.34 9.74
CA GLU A 56 18.02 -11.71 10.80
C GLU A 56 17.32 -10.46 11.32
N ALA A 57 16.89 -9.59 10.40
CA ALA A 57 16.26 -8.33 10.79
C ALA A 57 15.00 -8.50 11.58
N SER A 58 14.27 -9.57 11.30
CA SER A 58 12.99 -9.81 11.94
C SER A 58 13.05 -10.01 13.45
N LEU A 59 14.22 -10.41 13.96
CA LEU A 59 14.45 -10.56 15.37
C LEU A 59 14.59 -9.24 16.14
N ASN A 60 14.82 -8.16 15.40
CA ASN A 60 15.10 -6.83 15.96
C ASN A 60 13.80 -6.12 16.30
N PRO A 61 13.45 -6.06 17.60
CA PRO A 61 12.21 -5.50 18.04
C PRO A 61 11.97 -4.07 17.64
N SER A 62 13.04 -3.34 17.24
CA SER A 62 12.86 -1.99 16.68
C SER A 62 11.94 -1.95 15.48
N PHE A 63 11.93 -3.04 14.68
CA PHE A 63 11.04 -3.15 13.53
C PHE A 63 9.62 -3.66 13.86
N HIS A 64 9.38 -4.10 15.08
CA HIS A 64 8.05 -4.62 15.42
C HIS A 64 7.05 -3.50 15.53
N GLY A 65 7.52 -2.33 15.97
CA GLY A 65 6.72 -1.15 16.04
C GLY A 65 6.73 -0.28 14.83
N TYR A 66 5.95 0.81 14.86
CA TYR A 66 5.94 1.77 13.78
C TYR A 66 7.34 2.34 13.62
N GLY A 67 7.80 2.45 12.41
CA GLY A 67 9.00 3.21 12.09
C GLY A 67 8.68 4.44 11.29
N PRO A 68 9.71 5.06 10.70
CA PRO A 68 9.54 6.26 9.90
C PRO A 68 8.52 6.10 8.80
N PHE A 69 7.63 7.09 8.66
CA PHE A 69 6.60 7.06 7.59
C PHE A 69 7.18 6.95 6.18
N ARG A 70 8.33 7.58 5.96
CA ARG A 70 8.91 7.64 4.63
C ARG A 70 9.91 6.51 4.37
N GLY A 71 10.03 5.59 5.31
CA GLY A 71 10.98 4.48 5.23
C GLY A 71 12.26 4.81 5.95
N TYR A 72 13.04 3.79 6.24
CA TYR A 72 14.28 3.99 6.98
C TYR A 72 15.40 4.67 6.14
N PRO A 73 16.12 5.64 6.73
CA PRO A 73 17.31 6.23 6.02
C PRO A 73 18.29 5.20 5.46
N PHE A 74 18.54 4.09 6.16
CA PHE A 74 19.54 3.13 5.70
C PHE A 74 19.18 2.56 4.33
N LEU A 75 17.88 2.35 4.08
CA LEU A 75 17.43 1.93 2.75
C LEU A 75 17.57 3.03 1.73
N LYS A 76 17.24 4.27 2.08
CA LYS A 76 17.33 5.31 1.11
C LYS A 76 18.82 5.57 0.73
N GLU A 77 19.73 5.42 1.70
CA GLU A 77 21.14 5.50 1.43
C GLU A 77 21.59 4.36 0.48
N ALA A 78 21.06 3.16 0.68
CA ALA A 78 21.40 2.04 -0.22
C ALA A 78 20.98 2.31 -1.67
N ILE A 79 19.78 2.89 -1.80
CA ILE A 79 19.26 3.19 -3.11
C ILE A 79 20.16 4.14 -3.82
N ALA A 80 20.55 5.23 -3.16
CA ALA A 80 21.43 6.20 -3.81
C ALA A 80 22.75 5.53 -4.20
N ALA A 81 23.32 4.76 -3.29
CA ALA A 81 24.59 4.05 -3.61
C ALA A 81 24.47 3.08 -4.79
N PHE A 82 23.36 2.36 -4.85
CA PHE A 82 23.03 1.52 -5.99
C PHE A 82 22.99 2.31 -7.30
N TYR A 83 22.34 3.47 -7.29
CA TYR A 83 22.18 4.23 -8.52
C TYR A 83 23.55 4.84 -8.95
N LYS A 84 24.38 5.15 -7.97
CA LYS A 84 25.73 5.61 -8.31
C LYS A 84 26.50 4.43 -8.93
N ARG A 85 26.50 3.27 -8.26
CA ARG A 85 27.25 2.11 -8.74
C ARG A 85 26.85 1.64 -10.14
N GLU A 86 25.56 1.44 -10.37
CA GLU A 86 25.07 0.84 -11.59
C GLU A 86 25.02 1.80 -12.75
N TYR A 87 24.56 3.02 -12.49
CA TYR A 87 24.38 4.03 -13.53
C TYR A 87 25.12 5.36 -13.50
N GLY A 88 25.90 5.58 -12.49
CA GLY A 88 26.60 6.84 -12.37
C GLY A 88 25.70 8.04 -12.09
N VAL A 89 24.50 7.78 -11.63
CA VAL A 89 23.58 8.87 -11.31
C VAL A 89 23.67 9.34 -9.86
N THR A 90 23.74 10.65 -9.64
CA THR A 90 23.79 11.18 -8.29
C THR A 90 22.38 11.38 -7.75
N ILE A 91 22.09 10.72 -6.64
CA ILE A 91 20.79 10.81 -6.01
C ILE A 91 20.94 11.29 -4.59
N ASN A 92 20.31 12.41 -4.27
CA ASN A 92 20.16 12.83 -2.87
C ASN A 92 19.14 11.96 -2.12
N PRO A 93 19.61 11.14 -1.18
CA PRO A 93 18.74 10.11 -0.63
C PRO A 93 17.69 10.67 0.34
N GLU A 94 17.96 11.81 0.95
CA GLU A 94 17.04 12.40 1.89
C GLU A 94 15.89 13.06 1.15
N THR A 95 16.05 13.41 -0.13
CA THR A 95 14.98 14.12 -0.85
C THR A 95 14.49 13.55 -2.20
N GLU A 96 15.22 12.60 -2.80
CA GLU A 96 14.91 12.18 -4.16
C GLU A 96 14.51 10.72 -4.25
N VAL A 97 14.13 10.14 -3.12
CA VAL A 97 13.81 8.72 -3.04
C VAL A 97 12.50 8.51 -2.30
N ALA A 98 11.58 7.74 -2.90
CA ALA A 98 10.42 7.26 -2.17
C ALA A 98 10.25 5.74 -2.33
N LEU A 99 9.74 5.09 -1.29
CA LEU A 99 9.49 3.66 -1.23
C LEU A 99 8.05 3.27 -1.54
N PHE A 100 7.87 2.17 -2.27
CA PHE A 100 6.55 1.63 -2.62
C PHE A 100 6.44 0.13 -2.34
N GLY A 101 5.24 -0.34 -1.99
CA GLY A 101 4.98 -1.78 -1.90
C GLY A 101 4.86 -2.42 -3.27
N GLY A 102 5.90 -2.33 -4.08
CA GLY A 102 5.89 -2.89 -5.44
C GLY A 102 5.63 -1.83 -6.50
N GLY A 103 6.15 -2.06 -7.70
CA GLY A 103 5.96 -1.16 -8.82
C GLY A 103 4.52 -0.90 -9.24
N LYS A 104 3.63 -1.90 -9.05
CA LYS A 104 2.19 -1.66 -9.31
C LYS A 104 1.64 -0.54 -8.42
N ALA A 105 1.97 -0.58 -7.14
CA ALA A 105 1.49 0.44 -6.21
C ALA A 105 2.18 1.83 -6.52
N GLY A 106 3.41 1.77 -6.98
CA GLY A 106 4.17 2.95 -7.34
C GLY A 106 3.56 3.69 -8.51
N LEU A 107 3.23 2.96 -9.55
CA LEU A 107 2.47 3.50 -10.70
C LEU A 107 1.17 4.19 -10.26
N TYR A 108 0.44 3.54 -9.38
CA TYR A 108 -0.81 4.12 -8.87
C TYR A 108 -0.60 5.39 -8.07
N VAL A 109 0.33 5.34 -7.13
CA VAL A 109 0.57 6.52 -6.32
C VAL A 109 1.06 7.70 -7.17
N LEU A 110 1.99 7.44 -8.10
CA LEU A 110 2.56 8.46 -8.95
C LEU A 110 1.45 9.12 -9.79
N THR A 111 0.53 8.31 -10.28
CA THR A 111 -0.54 8.82 -11.15
C THR A 111 -1.49 9.71 -10.36
N GLN A 112 -1.79 9.34 -9.13
CA GLN A 112 -2.69 10.10 -8.31
C GLN A 112 -2.07 11.43 -7.91
N CYS A 113 -0.75 11.44 -7.75
CA CYS A 113 0.01 12.64 -7.38
C CYS A 113 0.26 13.59 -8.53
N LEU A 114 0.18 13.13 -9.77
CA LEU A 114 0.60 13.94 -10.93
C LEU A 114 -0.50 14.25 -11.95
N LEU A 115 -1.69 13.64 -11.80
CA LEU A 115 -2.81 13.79 -12.74
C LEU A 115 -4.07 14.24 -12.03
N ASN A 116 -4.68 15.28 -12.57
CA ASN A 116 -6.03 15.67 -12.13
C ASN A 116 -7.08 15.04 -13.04
N PRO A 117 -8.34 14.91 -12.57
CA PRO A 117 -9.42 14.49 -13.48
C PRO A 117 -9.45 15.38 -14.71
N GLY A 118 -9.52 14.78 -15.89
CA GLY A 118 -9.57 15.55 -17.14
C GLY A 118 -8.24 15.89 -17.80
N ASP A 119 -7.14 15.73 -17.08
CA ASP A 119 -5.82 15.83 -17.70
C ASP A 119 -5.62 14.68 -18.67
N ILE A 120 -4.67 14.84 -19.58
CA ILE A 120 -4.37 13.78 -20.53
C ILE A 120 -3.09 13.06 -20.09
N ALA A 121 -3.14 11.74 -20.07
CA ALA A 121 -1.92 10.92 -19.86
C ALA A 121 -1.47 10.32 -21.22
N LEU A 122 -0.20 10.48 -21.55
CA LEU A 122 0.37 9.94 -22.75
C LEU A 122 0.92 8.53 -22.45
N VAL A 123 0.40 7.52 -23.15
CA VAL A 123 0.64 6.11 -22.86
C VAL A 123 1.05 5.37 -24.10
N PRO A 124 2.15 4.58 -24.01
CA PRO A 124 2.53 3.80 -25.20
C PRO A 124 1.57 2.69 -25.53
N ASN A 125 1.45 2.40 -26.83
CA ASN A 125 0.63 1.29 -27.31
C ASN A 125 1.47 0.51 -28.31
N PRO A 126 1.88 -0.70 -27.96
CA PRO A 126 1.54 -1.45 -26.76
C PRO A 126 2.24 -0.92 -25.49
N GLY A 127 1.73 -1.33 -24.35
CA GLY A 127 2.32 -0.98 -23.04
C GLY A 127 1.63 -1.72 -21.91
N TYR A 128 2.33 -1.78 -20.78
CA TYR A 128 1.87 -2.42 -19.57
C TYR A 128 0.46 -1.98 -19.28
N PRO A 129 -0.47 -2.93 -19.11
CA PRO A 129 -1.86 -2.56 -19.02
C PRO A 129 -2.21 -1.78 -17.77
N GLU A 130 -1.41 -1.89 -16.69
CA GLU A 130 -1.80 -1.12 -15.49
C GLU A 130 -1.58 0.41 -15.58
N TYR A 131 -0.91 0.90 -16.62
CA TYR A 131 -0.80 2.35 -16.82
C TYR A 131 -2.18 2.95 -17.01
N LEU A 132 -2.91 2.35 -17.95
CA LEU A 132 -4.28 2.67 -18.28
C LEU A 132 -5.15 2.68 -17.03
N SER A 133 -4.89 1.78 -16.08
CA SER A 133 -5.75 1.65 -14.90
C SER A 133 -5.58 2.71 -13.82
N GLY A 134 -4.36 3.20 -13.57
CA GLY A 134 -4.18 4.28 -12.62
C GLY A 134 -4.73 5.60 -13.16
N ILE A 135 -4.66 5.74 -14.47
CA ILE A 135 -5.19 6.87 -15.21
C ILE A 135 -6.70 6.93 -15.09
N THR A 136 -7.32 5.74 -15.09
CA THR A 136 -8.75 5.58 -14.93
C THR A 136 -9.22 5.96 -13.53
N MET A 137 -8.50 5.55 -12.49
CA MET A 137 -8.87 5.93 -11.12
C MET A 137 -8.62 7.40 -10.80
N ALA A 138 -7.77 8.04 -11.59
CA ALA A 138 -7.55 9.48 -11.51
C ALA A 138 -8.56 10.26 -12.37
N ARG A 139 -9.40 9.52 -13.12
CA ARG A 139 -10.44 10.09 -13.99
C ARG A 139 -9.85 10.94 -15.12
N ALA A 140 -8.79 10.46 -15.72
CA ALA A 140 -8.04 11.20 -16.71
C ALA A 140 -8.30 10.60 -18.05
N GLU A 141 -7.84 11.27 -19.10
CA GLU A 141 -8.03 10.83 -20.47
C GLU A 141 -6.73 10.28 -20.96
N LEU A 142 -6.81 9.17 -21.69
CA LEU A 142 -5.63 8.58 -22.26
C LEU A 142 -5.47 9.13 -23.67
N TYR A 143 -4.23 9.44 -24.05
CA TYR A 143 -3.87 9.61 -25.47
C TYR A 143 -2.69 8.67 -25.76
N GLU A 144 -2.78 7.93 -26.85
CA GLU A 144 -1.79 6.89 -27.21
C GLU A 144 -0.60 7.37 -28.02
N MET A 145 0.59 6.90 -27.66
CA MET A 145 1.76 7.03 -28.50
C MET A 145 2.06 5.65 -29.07
N PRO A 146 1.68 5.38 -30.32
CA PRO A 146 1.93 4.05 -30.92
C PRO A 146 3.38 3.66 -30.96
N LEU A 147 3.66 2.36 -30.78
CA LEU A 147 5.01 1.83 -30.84
C LEU A 147 5.08 0.88 -32.00
N TYR A 148 5.85 1.26 -33.01
CA TYR A 148 5.96 0.54 -34.28
C TYR A 148 7.34 -0.08 -34.41
N GLU A 149 7.39 -1.30 -34.91
CA GLU A 149 8.67 -2.01 -35.06
C GLU A 149 9.65 -1.24 -35.91
N GLU A 150 9.15 -0.63 -36.97
CA GLU A 150 9.95 0.17 -37.89
C GLU A 150 10.66 1.34 -37.20
N ASN A 151 10.08 1.82 -36.11
CA ASN A 151 10.72 2.85 -35.26
C ASN A 151 11.54 2.27 -34.10
N GLY A 152 11.80 0.97 -34.15
CA GLY A 152 12.43 0.28 -33.02
C GLY A 152 11.56 0.26 -31.75
N TYR A 153 10.25 0.34 -31.92
CA TYR A 153 9.28 0.41 -30.83
C TYR A 153 9.54 1.55 -29.90
N LEU A 154 10.11 2.63 -30.44
CA LEU A 154 10.19 3.88 -29.78
C LEU A 154 9.11 4.82 -30.34
N PRO A 155 8.54 5.68 -29.48
CA PRO A 155 7.54 6.68 -29.88
C PRO A 155 8.15 7.77 -30.77
N ASP A 156 7.38 8.23 -31.75
CA ASP A 156 7.71 9.38 -32.57
C ASP A 156 7.00 10.57 -31.95
N PHE A 157 7.71 11.33 -31.12
CA PHE A 157 7.07 12.43 -30.39
C PHE A 157 6.51 13.53 -31.32
N GLU A 158 6.99 13.57 -32.56
CA GLU A 158 6.54 14.53 -33.57
C GLU A 158 5.12 14.27 -34.02
N LYS A 159 4.70 13.02 -34.01
CA LYS A 159 3.37 12.65 -34.48
C LYS A 159 2.26 12.88 -33.44
N ILE A 160 2.59 13.44 -32.28
CA ILE A 160 1.57 13.73 -31.28
C ILE A 160 0.93 15.07 -31.64
N ASP A 161 -0.40 15.01 -31.84
CA ASP A 161 -1.27 16.18 -32.02
C ASP A 161 -0.90 17.33 -31.08
N PRO A 162 -0.36 18.43 -31.63
CA PRO A 162 0.01 19.61 -30.84
C PRO A 162 -1.09 20.22 -29.96
N ALA A 163 -2.35 19.90 -30.24
CA ALA A 163 -3.48 20.35 -29.44
C ALA A 163 -3.56 19.66 -28.09
N VAL A 164 -3.18 18.39 -28.02
CA VAL A 164 -3.25 17.67 -26.74
C VAL A 164 -2.11 18.03 -25.78
N LEU A 165 -1.05 18.61 -26.32
CA LEU A 165 0.19 18.82 -25.58
C LEU A 165 0.04 19.76 -24.38
N GLU A 166 -0.86 20.74 -24.49
CA GLU A 166 -1.09 21.68 -23.38
C GLU A 166 -1.85 20.99 -22.25
N LYS A 167 -2.81 20.15 -22.61
CA LYS A 167 -3.58 19.41 -21.63
C LYS A 167 -2.84 18.13 -21.08
N ALA A 168 -1.87 17.64 -21.84
CA ALA A 168 -1.06 16.46 -21.45
C ALA A 168 -0.19 16.76 -20.23
N LYS A 169 -0.47 16.06 -19.12
CA LYS A 169 0.26 16.27 -17.85
C LYS A 169 1.27 15.19 -17.50
N LEU A 170 1.07 13.99 -18.02
CA LEU A 170 1.89 12.84 -17.64
C LEU A 170 2.18 11.99 -18.87
N MET A 171 3.41 11.45 -18.95
CA MET A 171 3.77 10.48 -19.99
C MET A 171 4.46 9.24 -19.36
N PHE A 172 4.07 8.06 -19.85
CA PHE A 172 4.69 6.80 -19.42
C PHE A 172 5.64 6.30 -20.49
N LEU A 173 6.84 5.89 -20.05
CA LEU A 173 7.79 5.24 -20.93
C LEU A 173 8.36 4.00 -20.25
N ASN A 174 8.77 3.00 -21.03
CA ASN A 174 9.18 1.74 -20.47
C ASN A 174 10.19 0.97 -21.31
N TYR A 175 11.48 1.07 -20.95
CA TYR A 175 12.54 0.39 -21.66
C TYR A 175 13.60 -0.10 -20.63
N PRO A 176 14.05 -1.35 -20.75
CA PRO A 176 13.63 -2.40 -21.65
C PRO A 176 12.11 -2.66 -21.59
N ASN A 177 11.53 -2.96 -22.74
CA ASN A 177 10.07 -2.83 -22.92
C ASN A 177 9.28 -4.13 -22.74
N ASN A 178 8.28 -4.05 -21.85
CA ASN A 178 7.19 -4.99 -21.75
C ASN A 178 6.04 -4.44 -22.64
N PRO A 179 5.68 -5.14 -23.71
CA PRO A 179 5.96 -6.54 -23.98
C PRO A 179 6.91 -6.81 -25.14
N THR A 180 7.51 -5.79 -25.73
CA THR A 180 8.23 -5.99 -26.97
C THR A 180 9.71 -6.38 -26.83
N GLY A 181 10.31 -6.08 -25.70
CA GLY A 181 11.74 -6.31 -25.46
C GLY A 181 12.65 -5.32 -26.13
N ALA A 182 12.08 -4.27 -26.73
CA ALA A 182 12.85 -3.17 -27.25
C ALA A 182 13.68 -2.50 -26.17
N VAL A 183 14.80 -1.89 -26.57
CA VAL A 183 15.64 -1.10 -25.66
C VAL A 183 15.78 0.36 -26.14
N ALA A 184 16.11 1.27 -25.24
CA ALA A 184 16.35 2.68 -25.58
C ALA A 184 17.72 3.11 -25.11
N ASP A 185 18.38 3.96 -25.90
CA ASP A 185 19.70 4.50 -25.53
C ASP A 185 19.57 5.93 -25.00
N ALA A 186 20.69 6.46 -24.50
CA ALA A 186 20.71 7.75 -23.83
C ALA A 186 20.16 8.90 -24.70
N ALA A 187 20.38 8.84 -26.00
CA ALA A 187 19.92 9.91 -26.89
C ALA A 187 18.40 9.92 -26.99
N PHE A 188 17.78 8.74 -26.94
CA PHE A 188 16.32 8.71 -26.93
C PHE A 188 15.79 9.39 -25.65
N TYR A 189 16.44 9.14 -24.51
CA TYR A 189 16.01 9.71 -23.22
C TYR A 189 16.26 11.21 -23.15
N ALA A 190 17.34 11.69 -23.80
CA ALA A 190 17.58 13.15 -23.88
C ALA A 190 16.47 13.84 -24.72
N LYS A 191 16.06 13.19 -25.79
CA LYS A 191 15.01 13.70 -26.63
C LYS A 191 13.69 13.69 -25.90
N ALA A 192 13.45 12.61 -25.15
CA ALA A 192 12.18 12.49 -24.41
C ALA A 192 12.06 13.57 -23.34
N ALA A 193 13.11 13.71 -22.54
CA ALA A 193 13.16 14.75 -21.51
C ALA A 193 13.02 16.18 -22.08
N ALA A 194 13.75 16.46 -23.16
CA ALA A 194 13.67 17.75 -23.83
C ALA A 194 12.25 18.00 -24.36
N PHE A 195 11.61 16.97 -24.90
CA PHE A 195 10.22 17.09 -25.34
C PHE A 195 9.28 17.38 -24.14
N ALA A 196 9.48 16.64 -23.04
CA ALA A 196 8.65 16.79 -21.86
C ALA A 196 8.80 18.19 -21.24
N LYS A 197 10.02 18.74 -21.35
CA LYS A 197 10.34 20.04 -20.79
C LYS A 197 9.58 21.16 -21.50
N GLU A 198 9.67 21.16 -22.83
CA GLU A 198 9.00 22.11 -23.72
C GLU A 198 7.50 22.16 -23.51
N HIS A 199 6.88 21.04 -23.14
CA HIS A 199 5.43 20.94 -23.08
C HIS A 199 4.85 20.73 -21.71
N ASN A 200 5.70 20.90 -20.69
CA ASN A 200 5.33 20.69 -19.31
C ASN A 200 4.59 19.38 -19.10
N ILE A 201 5.29 18.28 -19.33
CA ILE A 201 4.73 16.94 -19.11
C ILE A 201 5.60 16.25 -18.06
N HIS A 202 4.98 15.72 -17.01
CA HIS A 202 5.76 14.92 -16.05
C HIS A 202 6.05 13.59 -16.73
N LEU A 203 7.30 13.16 -16.66
CA LEU A 203 7.72 11.96 -17.34
C LEU A 203 8.09 10.88 -16.33
N ILE A 204 7.36 9.77 -16.37
CA ILE A 204 7.67 8.63 -15.54
C ILE A 204 8.27 7.50 -16.36
N HIS A 205 9.51 7.15 -16.03
CA HIS A 205 10.16 6.03 -16.67
C HIS A 205 10.04 4.76 -15.85
N ASP A 206 9.47 3.74 -16.48
CA ASP A 206 9.25 2.48 -15.83
C ASP A 206 10.46 1.57 -16.14
N PHE A 207 11.26 1.33 -15.12
CA PHE A 207 12.53 0.63 -15.22
C PHE A 207 12.51 -0.72 -14.59
N ALA A 208 11.35 -1.39 -14.60
CA ALA A 208 11.18 -2.65 -13.94
C ALA A 208 12.09 -3.73 -14.54
N TYR A 209 12.51 -3.57 -15.79
CA TYR A 209 13.41 -4.56 -16.43
C TYR A 209 14.79 -3.98 -16.71
N GLY A 210 15.17 -2.97 -15.97
CA GLY A 210 16.41 -2.27 -16.23
C GLY A 210 17.67 -3.05 -15.96
N ALA A 211 17.55 -4.20 -15.32
CA ALA A 211 18.71 -5.10 -15.16
C ALA A 211 19.01 -5.91 -16.42
N PHE A 212 18.09 -5.93 -17.40
CA PHE A 212 18.08 -6.98 -18.41
C PHE A 212 18.19 -6.45 -19.83
N GLU A 213 19.26 -5.72 -20.16
CA GLU A 213 19.61 -5.46 -21.54
C GLU A 213 20.83 -6.32 -21.84
N PHE A 214 20.73 -7.20 -22.83
CA PHE A 214 21.72 -8.24 -23.04
C PHE A 214 23.06 -7.80 -23.67
N ASP A 215 23.04 -6.84 -24.59
CA ASP A 215 24.28 -6.42 -25.29
C ASP A 215 24.98 -5.23 -24.63
N GLN A 216 24.26 -4.12 -24.49
CA GLN A 216 24.83 -2.90 -23.92
C GLN A 216 24.53 -2.85 -22.42
N LYS A 217 25.25 -2.00 -21.70
CA LYS A 217 24.88 -1.69 -20.32
C LYS A 217 23.56 -0.89 -20.34
N PRO A 218 22.59 -1.31 -19.55
CA PRO A 218 21.29 -0.63 -19.56
C PRO A 218 21.38 0.80 -19.02
N ALA A 219 20.93 1.75 -19.82
CA ALA A 219 21.00 3.15 -19.48
C ALA A 219 19.73 3.57 -18.75
N SER A 220 19.91 4.22 -17.60
CA SER A 220 18.81 4.83 -16.85
C SER A 220 18.35 6.11 -17.56
N PHE A 221 17.06 6.39 -17.40
CA PHE A 221 16.47 7.65 -17.88
C PHE A 221 17.15 8.84 -17.21
N LEU A 222 17.59 8.65 -15.96
CA LEU A 222 18.20 9.73 -15.19
C LEU A 222 19.63 10.12 -15.59
N GLU A 223 20.26 9.37 -16.49
CA GLU A 223 21.55 9.78 -17.07
C GLU A 223 21.39 10.97 -18.04
N ALA A 224 20.21 11.14 -18.61
CA ALA A 224 19.96 12.18 -19.59
C ALA A 224 19.79 13.53 -18.96
N GLU A 225 20.34 14.54 -19.62
CA GLU A 225 20.22 15.91 -19.14
C GLU A 225 18.73 16.31 -19.16
N ASP A 226 18.32 16.96 -18.06
CA ASP A 226 16.94 17.39 -17.81
C ASP A 226 15.94 16.28 -17.45
N ALA A 227 16.43 15.11 -17.08
CA ALA A 227 15.56 14.00 -16.69
C ALA A 227 14.96 14.27 -15.32
N LYS A 228 15.83 14.66 -14.38
CA LYS A 228 15.47 14.95 -13.01
C LYS A 228 14.64 16.22 -12.91
N THR A 229 14.69 17.01 -13.97
CA THR A 229 13.93 18.23 -14.06
C THR A 229 12.46 17.93 -14.36
N VAL A 230 12.20 16.93 -15.19
CA VAL A 230 10.86 16.66 -15.68
C VAL A 230 10.21 15.40 -15.08
N GLY A 231 10.94 14.60 -14.29
CA GLY A 231 10.42 13.30 -13.98
C GLY A 231 11.14 12.42 -12.99
N ALA A 232 10.88 11.13 -13.10
CA ALA A 232 11.37 10.16 -12.14
C ALA A 232 11.36 8.77 -12.73
N GLU A 233 12.13 7.91 -12.11
CA GLU A 233 12.26 6.51 -12.53
C GLU A 233 11.70 5.56 -11.43
N LEU A 234 10.90 4.60 -11.84
CA LEU A 234 10.38 3.62 -10.96
C LEU A 234 11.23 2.35 -11.15
N TYR A 235 11.77 1.84 -10.04
CA TYR A 235 12.64 0.65 -10.05
C TYR A 235 11.97 -0.40 -9.14
N SER A 236 11.78 -1.60 -9.65
CA SER A 236 11.19 -2.70 -8.86
C SER A 236 12.28 -3.72 -8.45
N PHE A 237 12.06 -4.34 -7.32
CA PHE A 237 12.93 -5.41 -6.88
C PHE A 237 12.52 -6.74 -7.50
N SER A 238 11.33 -6.76 -8.09
CA SER A 238 10.64 -8.01 -8.47
C SER A 238 11.44 -8.85 -9.48
N LYS A 239 11.86 -8.25 -10.57
CA LYS A 239 12.60 -8.95 -11.62
C LYS A 239 14.11 -9.02 -11.44
N THR A 240 14.73 -7.96 -10.97
CA THR A 240 16.18 -7.92 -10.76
C THR A 240 16.73 -8.99 -9.82
N PHE A 241 15.98 -9.27 -8.74
CA PHE A 241 16.37 -10.11 -7.61
C PHE A 241 15.40 -11.27 -7.33
N ASN A 242 14.47 -11.56 -8.25
CA ASN A 242 13.48 -12.62 -8.09
C ASN A 242 12.80 -12.39 -6.72
N MET A 243 12.26 -11.17 -6.55
CA MET A 243 11.55 -10.80 -5.33
C MET A 243 10.11 -10.30 -5.65
N ALA A 244 9.49 -10.85 -6.68
CA ALA A 244 8.12 -10.49 -7.08
C ALA A 244 7.13 -10.62 -5.90
N GLY A 245 7.31 -11.61 -5.05
CA GLY A 245 6.39 -11.90 -3.94
C GLY A 245 6.60 -10.93 -2.77
N TRP A 246 7.73 -10.24 -2.74
CA TRP A 246 8.09 -9.51 -1.60
C TRP A 246 7.41 -8.13 -1.63
N ARG A 247 7.08 -7.66 -2.82
CA ARG A 247 6.29 -6.38 -3.02
C ARG A 247 7.09 -5.14 -2.57
N MET A 248 8.15 -4.86 -3.31
CA MET A 248 9.07 -3.80 -2.95
C MET A 248 9.51 -3.07 -4.18
N ALA A 249 9.52 -1.72 -4.08
CA ALA A 249 9.91 -0.86 -5.16
C ALA A 249 10.31 0.51 -4.64
N PHE A 250 10.88 1.34 -5.50
CA PHE A 250 11.20 2.75 -5.12
C PHE A 250 11.13 3.65 -6.31
N ALA A 251 10.99 4.93 -6.07
CA ALA A 251 11.12 5.87 -7.18
C ALA A 251 12.23 6.80 -6.85
N VAL A 252 12.93 7.22 -7.89
CA VAL A 252 14.01 8.22 -7.80
C VAL A 252 13.79 9.27 -8.88
N GLY A 253 13.88 10.52 -8.49
CA GLY A 253 13.81 11.62 -9.45
C GLY A 253 13.58 12.96 -8.80
N ASN A 254 12.92 13.81 -9.53
CA ASN A 254 12.62 15.16 -9.10
C ASN A 254 12.10 15.25 -7.68
N GLU A 255 12.70 16.16 -6.92
CA GLU A 255 12.38 16.44 -5.51
C GLU A 255 10.94 16.81 -5.24
N LYS A 256 10.33 17.56 -6.15
CA LYS A 256 8.91 17.95 -6.04
C LYS A 256 7.95 16.75 -6.17
N ILE A 257 8.23 15.89 -7.16
CA ILE A 257 7.47 14.64 -7.35
C ILE A 257 7.52 13.81 -6.06
N ILE A 258 8.72 13.59 -5.52
CA ILE A 258 8.89 12.79 -4.32
C ILE A 258 8.17 13.42 -3.11
N GLN A 259 8.21 14.75 -2.96
CA GLN A 259 7.49 15.38 -1.85
C GLN A 259 5.98 15.08 -1.93
N ALA A 260 5.44 15.16 -3.13
CA ALA A 260 4.03 14.86 -3.34
C ALA A 260 3.72 13.41 -2.99
N VAL A 261 4.58 12.52 -3.45
CA VAL A 261 4.40 11.14 -3.13
C VAL A 261 4.39 11.00 -1.61
N ASN A 262 5.32 11.66 -0.93
CA ASN A 262 5.43 11.53 0.51
C ASN A 262 4.21 11.99 1.25
N GLU A 263 3.57 13.02 0.71
CA GLU A 263 2.42 13.59 1.32
C GLU A 263 1.21 12.70 1.16
N PHE A 264 1.05 12.09 -0.01
CA PHE A 264 0.02 11.07 -0.24
C PHE A 264 0.22 9.91 0.69
N GLN A 265 1.41 9.32 0.66
CA GLN A 265 1.63 8.10 1.41
C GLN A 265 1.61 8.26 2.90
N ASP A 266 1.86 9.47 3.42
CA ASP A 266 1.72 9.74 4.87
C ASP A 266 0.32 9.40 5.39
N HIS A 267 -0.71 9.59 4.55
CA HIS A 267 -2.07 9.28 4.93
C HIS A 267 -2.48 7.85 4.67
N VAL A 268 -1.72 7.14 3.88
CA VAL A 268 -2.15 5.83 3.40
C VAL A 268 -1.31 4.68 4.03
N PHE A 269 -0.05 4.97 4.34
CA PHE A 269 0.87 3.98 4.88
C PHE A 269 1.70 4.49 6.05
N VAL A 270 2.43 3.53 6.66
CA VAL A 270 3.44 3.86 7.67
C VAL A 270 4.72 3.11 7.34
N GLY A 271 5.31 3.45 6.21
CA GLY A 271 6.45 2.77 5.69
C GLY A 271 6.09 1.34 5.36
N MET A 272 6.94 0.42 5.78
CA MET A 272 6.82 -1.00 5.44
C MET A 272 7.80 -1.77 6.36
N PHE A 273 7.59 -3.06 6.52
CA PHE A 273 8.29 -3.83 7.57
C PHE A 273 9.77 -3.62 7.49
N GLY A 274 10.34 -3.24 8.62
CA GLY A 274 11.77 -3.05 8.75
C GLY A 274 12.60 -4.22 8.20
N GLY A 275 12.12 -5.42 8.43
CA GLY A 275 12.76 -6.65 7.89
C GLY A 275 12.86 -6.67 6.37
N LEU A 276 11.77 -6.31 5.69
CA LEU A 276 11.80 -6.15 4.27
C LEU A 276 12.77 -5.11 3.81
N GLN A 277 12.84 -3.98 4.53
CA GLN A 277 13.71 -2.92 4.12
C GLN A 277 15.16 -3.33 4.25
N GLN A 278 15.44 -4.09 5.30
CA GLN A 278 16.80 -4.61 5.49
C GLN A 278 17.12 -5.54 4.34
N ALA A 279 16.19 -6.41 3.98
CA ALA A 279 16.38 -7.36 2.89
C ALA A 279 16.64 -6.63 1.58
N ALA A 280 15.91 -5.52 1.35
CA ALA A 280 16.08 -4.70 0.19
C ALA A 280 17.47 -4.03 0.18
N SER A 281 17.92 -3.64 1.34
CA SER A 281 19.26 -3.05 1.48
C SER A 281 20.38 -4.09 1.19
N ALA A 282 20.14 -5.34 1.56
CA ALA A 282 21.08 -6.44 1.23
C ALA A 282 21.06 -6.76 -0.25
N ALA A 283 19.87 -6.75 -0.87
CA ALA A 283 19.78 -6.84 -2.31
C ALA A 283 20.64 -5.81 -3.09
N LEU A 284 20.48 -4.54 -2.73
CA LEU A 284 21.10 -3.45 -3.50
C LEU A 284 22.60 -3.42 -3.35
N SER A 285 23.09 -3.75 -2.16
CA SER A 285 24.52 -3.65 -1.89
C SER A 285 25.23 -4.94 -2.22
N GLY A 286 24.47 -5.99 -2.53
CA GLY A 286 25.02 -7.28 -2.84
C GLY A 286 25.81 -7.25 -4.13
N ASP A 287 26.65 -8.26 -4.30
CA ASP A 287 27.43 -8.41 -5.54
C ASP A 287 26.55 -8.43 -6.82
N PRO A 288 26.93 -7.63 -7.82
CA PRO A 288 26.20 -7.61 -9.10
C PRO A 288 26.31 -8.89 -9.91
N GLU A 289 27.29 -9.75 -9.56
CA GLU A 289 27.44 -11.03 -10.20
C GLU A 289 26.17 -11.87 -10.09
N HIS A 290 25.45 -11.76 -8.98
CA HIS A 290 24.14 -12.40 -8.85
C HIS A 290 23.18 -12.09 -9.98
N THR A 291 23.00 -10.83 -10.27
CA THR A 291 22.08 -10.39 -11.29
C THR A 291 22.57 -10.80 -12.69
N GLU A 292 23.86 -10.60 -12.96
CA GLU A 292 24.47 -11.05 -14.24
C GLU A 292 24.31 -12.55 -14.53
N SER A 293 24.39 -13.38 -13.50
CA SER A 293 24.12 -14.77 -13.62
C SER A 293 22.68 -15.01 -14.08
N LEU A 294 21.74 -14.31 -13.46
CA LEU A 294 20.30 -14.45 -13.80
C LEU A 294 20.03 -14.00 -15.25
N LYS A 295 20.59 -12.87 -15.60
CA LYS A 295 20.63 -12.38 -16.96
C LYS A 295 21.18 -13.43 -17.96
N ARG A 296 22.25 -14.13 -17.57
CA ARG A 296 22.76 -15.22 -18.36
C ARG A 296 21.76 -16.36 -18.51
N ILE A 297 21.06 -16.71 -17.44
CA ILE A 297 20.06 -17.76 -17.51
C ILE A 297 18.94 -17.41 -18.52
N TYR A 298 18.35 -16.23 -18.39
CA TYR A 298 17.32 -15.76 -19.34
C TYR A 298 17.80 -15.76 -20.79
N LYS A 299 19.01 -15.23 -21.03
CA LYS A 299 19.61 -15.24 -22.33
C LYS A 299 19.71 -16.65 -22.97
N GLU A 300 20.26 -17.61 -22.25
CA GLU A 300 20.36 -18.97 -22.75
C GLU A 300 18.98 -19.55 -23.05
N ARG A 301 17.95 -19.26 -22.25
CA ARG A 301 16.60 -19.79 -22.47
C ARG A 301 15.98 -19.20 -23.74
N ILE A 302 16.29 -17.95 -24.01
CA ILE A 302 15.79 -17.24 -25.17
C ILE A 302 16.40 -17.84 -26.45
N ASP A 303 17.68 -18.17 -26.38
CA ASP A 303 18.36 -18.81 -27.51
C ASP A 303 17.78 -20.22 -27.75
N PHE A 304 17.74 -21.01 -26.69
CA PHE A 304 17.08 -22.32 -26.72
C PHE A 304 15.68 -22.25 -27.35
N PHE A 305 14.85 -21.35 -26.85
CA PHE A 305 13.48 -21.26 -27.24
C PHE A 305 13.27 -20.83 -28.68
N THR A 306 13.88 -19.74 -29.09
CA THR A 306 13.66 -19.21 -30.42
C THR A 306 14.26 -20.08 -31.55
N ALA A 307 15.38 -20.76 -31.26
CA ALA A 307 15.99 -21.69 -32.20
C ALA A 307 15.12 -22.92 -32.37
N LEU A 308 14.69 -23.50 -31.26
CA LEU A 308 13.79 -24.66 -31.32
C LEU A 308 12.43 -24.37 -31.94
N CYS A 309 11.93 -23.15 -31.77
CA CYS A 309 10.67 -22.74 -32.38
C CYS A 309 10.76 -22.69 -33.91
N GLU A 310 11.84 -22.12 -34.41
CA GLU A 310 12.01 -22.01 -35.85
C GLU A 310 12.21 -23.40 -36.48
N LYS A 311 13.14 -24.17 -35.92
CA LYS A 311 13.50 -25.48 -36.40
C LYS A 311 12.31 -26.45 -36.40
N GLU A 312 11.59 -26.50 -35.26
CA GLU A 312 10.54 -27.51 -35.05
C GLU A 312 9.10 -27.08 -35.36
N LEU A 313 8.87 -25.79 -35.58
CA LEU A 313 7.53 -25.28 -35.87
C LEU A 313 7.47 -24.40 -37.10
N GLY A 314 8.58 -23.77 -37.46
CA GLY A 314 8.62 -22.81 -38.55
C GLY A 314 8.29 -21.39 -38.11
N TRP A 315 8.12 -21.20 -36.80
CA TRP A 315 7.83 -19.89 -36.21
C TRP A 315 9.08 -19.03 -36.11
N LYS A 316 9.17 -18.02 -36.96
CA LYS A 316 10.31 -17.11 -36.95
C LYS A 316 10.07 -15.99 -35.94
N MET A 317 10.96 -15.88 -34.95
CA MET A 317 10.85 -14.89 -33.86
C MET A 317 12.07 -14.02 -33.72
N GLU A 318 11.82 -12.72 -33.51
CA GLU A 318 12.83 -11.79 -33.00
C GLU A 318 13.41 -12.37 -31.71
N LYS A 319 14.71 -12.23 -31.51
CA LYS A 319 15.25 -12.36 -30.15
C LYS A 319 15.13 -10.97 -29.57
N PRO A 320 14.59 -10.88 -28.33
CA PRO A 320 14.47 -9.54 -27.72
C PRO A 320 15.83 -9.00 -27.36
N LYS A 321 16.00 -7.70 -27.48
CA LYS A 321 17.18 -7.01 -27.00
C LYS A 321 17.21 -6.88 -25.47
N GLY A 322 16.06 -7.04 -24.83
CA GLY A 322 15.93 -6.85 -23.38
C GLY A 322 14.71 -7.54 -22.82
N THR A 323 14.62 -7.59 -21.49
CA THR A 323 13.61 -8.38 -20.78
C THR A 323 13.69 -9.87 -21.10
N PHE A 324 12.86 -10.68 -20.42
CA PHE A 324 12.75 -12.10 -20.65
C PHE A 324 11.51 -12.50 -21.49
N TYR A 325 10.97 -11.54 -22.23
CA TYR A 325 9.79 -11.74 -23.05
C TYR A 325 10.17 -11.92 -24.52
N VAL A 326 9.50 -12.86 -25.19
CA VAL A 326 9.56 -12.96 -26.66
C VAL A 326 8.18 -12.48 -27.21
N TRP A 327 8.24 -11.56 -28.15
CA TRP A 327 7.07 -10.97 -28.85
C TRP A 327 7.00 -11.60 -30.26
N ALA A 328 6.07 -12.53 -30.43
CA ALA A 328 5.97 -13.29 -31.66
C ALA A 328 4.64 -13.09 -32.44
N GLU A 329 4.73 -13.05 -33.77
CA GLU A 329 3.57 -12.87 -34.65
C GLU A 329 2.72 -14.15 -34.65
N ILE A 330 1.41 -13.97 -34.55
CA ILE A 330 0.47 -15.08 -34.53
C ILE A 330 0.25 -15.55 -35.99
N PRO A 331 -0.17 -16.81 -36.18
CA PRO A 331 -0.37 -17.28 -37.58
C PRO A 331 -1.44 -16.45 -38.32
N ASN A 332 -1.17 -16.18 -39.60
CA ASN A 332 -2.07 -15.43 -40.49
C ASN A 332 -3.55 -15.84 -40.48
N THR A 333 -3.83 -17.06 -40.04
CA THR A 333 -5.16 -17.65 -40.10
C THR A 333 -6.00 -17.39 -38.86
N PHE A 334 -5.46 -16.63 -37.91
CA PHE A 334 -6.15 -16.36 -36.67
C PHE A 334 -6.69 -14.93 -36.62
N GLU A 335 -7.87 -14.80 -36.01
CA GLU A 335 -8.56 -13.52 -35.92
C GLU A 335 -7.73 -12.54 -35.08
N THR A 336 -7.59 -12.88 -33.80
CA THR A 336 -6.94 -12.02 -32.83
C THR A 336 -6.02 -12.86 -31.97
N SER A 337 -5.09 -12.17 -31.33
CA SER A 337 -4.18 -12.77 -30.40
C SER A 337 -4.93 -13.53 -29.32
N HIS A 338 -6.09 -13.01 -28.93
CA HIS A 338 -6.95 -13.65 -27.94
C HIS A 338 -7.37 -15.08 -28.34
N GLN A 339 -7.83 -15.26 -29.58
CA GLN A 339 -8.30 -16.58 -30.01
C GLN A 339 -7.11 -17.52 -30.12
N PHE A 340 -6.04 -17.05 -30.80
CA PHE A 340 -4.76 -17.76 -30.83
C PHE A 340 -4.26 -18.18 -29.45
N SER A 341 -4.25 -17.24 -28.53
CA SER A 341 -3.93 -17.55 -27.15
C SER A 341 -4.86 -18.63 -26.62
N ASP A 342 -6.14 -18.45 -26.84
CA ASP A 342 -7.16 -19.39 -26.33
C ASP A 342 -7.11 -20.78 -27.00
N TYR A 343 -6.75 -20.82 -28.29
CA TYR A 343 -6.53 -22.07 -29.01
C TYR A 343 -5.41 -22.90 -28.36
N LEU A 344 -4.34 -22.22 -27.95
CA LEU A 344 -3.18 -22.86 -27.33
C LEU A 344 -3.45 -23.41 -25.95
N LEU A 345 -4.26 -22.69 -25.16
CA LEU A 345 -4.61 -23.17 -23.83
C LEU A 345 -5.56 -24.36 -23.94
N GLU A 346 -6.51 -24.29 -24.87
CA GLU A 346 -7.50 -25.35 -25.09
C GLU A 346 -6.84 -26.63 -25.66
N HIS A 347 -6.20 -26.51 -26.81
CA HIS A 347 -5.74 -27.69 -27.58
C HIS A 347 -4.33 -28.16 -27.22
N ALA A 348 -3.41 -27.21 -27.03
CA ALA A 348 -2.03 -27.53 -26.62
C ALA A 348 -1.78 -27.47 -25.11
N HIS A 349 -2.77 -26.98 -24.35
CA HIS A 349 -2.62 -26.77 -22.89
C HIS A 349 -1.36 -25.98 -22.49
N VAL A 350 -1.15 -24.83 -23.14
CA VAL A 350 -0.03 -23.93 -22.80
C VAL A 350 -0.57 -22.49 -22.68
N VAL A 351 0.06 -21.71 -21.82
CA VAL A 351 -0.31 -20.32 -21.61
C VAL A 351 0.68 -19.34 -22.27
N VAL A 352 0.15 -18.50 -23.18
CA VAL A 352 0.87 -17.30 -23.67
C VAL A 352 -0.06 -16.10 -23.45
N THR A 353 0.51 -14.89 -23.38
CA THR A 353 -0.31 -13.68 -23.09
C THR A 353 -0.71 -13.04 -24.42
N PRO A 354 -2.02 -12.93 -24.69
CA PRO A 354 -2.39 -12.29 -25.95
C PRO A 354 -1.93 -10.83 -26.05
N GLY A 355 -1.34 -10.47 -27.18
CA GLY A 355 -0.81 -9.12 -27.36
C GLY A 355 -1.82 -8.01 -27.14
N GLU A 356 -3.09 -8.31 -27.44
CA GLU A 356 -4.21 -7.37 -27.29
C GLU A 356 -4.36 -6.73 -25.91
N ILE A 357 -4.00 -7.42 -24.84
CA ILE A 357 -4.12 -6.79 -23.51
C ILE A 357 -3.18 -5.61 -23.36
N PHE A 358 -2.11 -5.57 -24.19
CA PHE A 358 -1.15 -4.45 -24.19
C PHE A 358 -1.58 -3.27 -25.08
N GLY A 359 -2.69 -3.44 -25.80
CA GLY A 359 -3.25 -2.41 -26.65
C GLY A 359 -3.48 -2.88 -28.06
N SER A 360 -4.12 -2.04 -28.88
CA SER A 360 -4.51 -2.43 -30.22
C SER A 360 -3.31 -2.72 -31.11
N ASN A 361 -2.22 -2.04 -30.85
CA ASN A 361 -0.98 -2.31 -31.51
C ASN A 361 -0.38 -3.68 -31.21
N GLY A 362 -0.90 -4.34 -30.18
CA GLY A 362 -0.49 -5.70 -29.86
C GLY A 362 -1.30 -6.80 -30.51
N LYS A 363 -2.37 -6.46 -31.20
CA LYS A 363 -3.17 -7.49 -31.87
C LYS A 363 -2.25 -8.21 -32.82
N ARG A 364 -2.55 -9.45 -33.10
CA ARG A 364 -1.66 -10.25 -33.95
C ARG A 364 -0.28 -10.61 -33.38
N HIS A 365 -0.03 -10.32 -32.10
CA HIS A 365 1.18 -10.81 -31.42
C HIS A 365 0.80 -11.51 -30.16
N VAL A 366 1.63 -12.43 -29.71
CA VAL A 366 1.59 -12.94 -28.34
C VAL A 366 2.92 -12.63 -27.63
N ARG A 367 2.85 -12.49 -26.32
CA ARG A 367 4.04 -12.31 -25.45
C ARG A 367 4.27 -13.66 -24.79
N ILE A 368 5.51 -14.13 -24.79
CA ILE A 368 5.84 -15.43 -24.25
C ILE A 368 7.00 -15.20 -23.29
N SER A 369 6.86 -15.72 -22.08
CA SER A 369 7.77 -15.38 -21.01
C SER A 369 8.75 -16.51 -20.82
N MET A 370 10.03 -16.18 -20.80
CA MET A 370 11.08 -17.14 -20.54
C MET A 370 11.32 -17.37 -19.04
N VAL A 371 10.25 -17.68 -18.31
CA VAL A 371 10.32 -17.93 -16.87
C VAL A 371 10.00 -19.39 -16.59
N SER A 372 10.43 -20.28 -17.48
CA SER A 372 10.38 -21.70 -17.24
C SER A 372 11.70 -22.27 -17.65
N LYS A 373 12.08 -23.38 -17.03
CA LYS A 373 13.34 -24.03 -17.39
C LYS A 373 13.17 -24.75 -18.73
N GLN A 374 14.30 -25.18 -19.32
CA GLN A 374 14.32 -25.84 -20.67
C GLN A 374 13.27 -26.93 -20.88
N GLU A 375 13.23 -27.90 -19.97
CA GLU A 375 12.28 -29.01 -20.03
C GLU A 375 10.82 -28.60 -20.30
N ASP A 376 10.41 -27.47 -19.76
CA ASP A 376 9.06 -26.97 -19.96
C ASP A 376 8.94 -26.19 -21.24
N LEU A 377 10.05 -25.56 -21.63
CA LEU A 377 10.11 -24.82 -22.89
C LEU A 377 10.06 -25.76 -24.10
N ARG A 378 10.73 -26.90 -24.00
CA ARG A 378 10.69 -27.91 -25.07
C ARG A 378 9.32 -28.54 -25.18
N GLU A 379 8.76 -28.87 -24.04
CA GLU A 379 7.46 -29.51 -24.04
C GLU A 379 6.36 -28.55 -24.53
N PHE A 380 6.62 -27.26 -24.36
CA PHE A 380 5.81 -26.21 -24.97
C PHE A 380 5.79 -26.36 -26.48
N VAL A 381 6.99 -26.32 -27.06
CA VAL A 381 7.15 -26.36 -28.51
C VAL A 381 6.58 -27.64 -29.14
N THR A 382 6.84 -28.76 -28.49
CA THR A 382 6.41 -30.05 -29.01
C THR A 382 4.89 -30.24 -28.87
N ARG A 383 4.29 -29.74 -27.79
CA ARG A 383 2.82 -29.79 -27.66
C ARG A 383 2.12 -29.02 -28.78
N ILE A 384 2.75 -27.91 -29.17
CA ILE A 384 2.26 -27.04 -30.24
C ILE A 384 2.48 -27.65 -31.63
N GLN A 385 3.47 -28.51 -31.76
CA GLN A 385 3.75 -29.23 -33.01
C GLN A 385 2.60 -30.15 -33.39
N LYS A 386 1.98 -30.79 -32.39
CA LYS A 386 0.82 -31.65 -32.61
C LYS A 386 -0.43 -30.89 -33.12
N LEU A 387 -0.29 -29.58 -33.33
CA LEU A 387 -1.34 -28.71 -33.86
C LEU A 387 -1.10 -28.34 -35.33
N ASN A 388 0.16 -28.44 -35.77
CA ASN A 388 0.54 -28.19 -37.16
C ASN A 388 0.06 -26.85 -37.75
N LEU A 389 0.25 -25.77 -37.00
CA LEU A 389 -0.20 -24.45 -37.43
C LEU A 389 0.67 -23.91 -38.56
N PRO A 390 0.09 -23.08 -39.43
CA PRO A 390 0.84 -22.49 -40.55
C PRO A 390 1.71 -21.31 -40.16
N PHE A 391 2.74 -21.58 -39.36
CA PHE A 391 3.70 -20.56 -38.98
C PHE A 391 4.59 -20.10 -40.16
N GLY A 392 4.69 -20.91 -41.20
CA GLY A 392 5.51 -20.60 -42.38
C GLY A 392 5.92 -19.14 -42.63
N MET B 1 8.02 23.36 -14.31
CA MET B 1 7.06 23.63 -13.20
C MET B 1 6.33 22.36 -12.76
N GLU B 2 6.86 21.69 -11.75
CA GLU B 2 6.24 20.47 -11.24
C GLU B 2 4.95 20.83 -10.53
N ILE B 3 3.86 20.16 -10.93
CA ILE B 3 2.51 20.51 -10.55
C ILE B 3 1.82 19.32 -9.88
N THR B 4 1.79 19.36 -8.56
CA THR B 4 1.10 18.32 -7.82
C THR B 4 -0.38 18.26 -8.14
N PRO B 5 -1.00 17.06 -8.02
CA PRO B 5 -2.45 16.96 -8.21
C PRO B 5 -3.20 17.81 -7.20
N SER B 6 -4.43 18.18 -7.52
CA SER B 6 -5.31 18.90 -6.56
C SER B 6 -5.67 18.04 -5.34
N ASP B 7 -5.61 16.73 -5.49
CA ASP B 7 -5.81 15.82 -4.35
C ASP B 7 -4.74 16.05 -3.27
N VAL B 8 -3.49 16.29 -3.68
CA VAL B 8 -2.41 16.44 -2.72
C VAL B 8 -2.49 17.80 -2.02
N ILE B 9 -2.55 18.85 -2.83
CA ILE B 9 -2.67 20.20 -2.24
C ILE B 9 -3.91 20.42 -1.38
N LYS B 10 -4.94 19.58 -1.55
CA LYS B 10 -6.10 19.58 -0.67
C LYS B 10 -6.00 18.70 0.58
N THR B 11 -4.89 17.99 0.83
CA THR B 11 -4.81 17.12 2.04
C THR B 11 -4.37 17.88 3.30
N LEU B 12 -4.82 17.42 4.45
CA LEU B 12 -4.27 17.91 5.72
C LEU B 12 -2.80 17.47 5.90
N PRO B 13 -2.04 18.12 6.79
CA PRO B 13 -0.71 17.56 7.05
C PRO B 13 -0.85 16.43 8.04
N ARG B 14 -0.23 15.29 7.77
CA ARG B 14 -0.33 14.18 8.72
C ARG B 14 0.40 14.68 9.96
N GLN B 15 -0.30 14.68 11.09
CA GLN B 15 0.26 15.27 12.31
C GLN B 15 1.32 14.39 12.98
N GLU B 16 1.07 13.09 13.00
CA GLU B 16 2.04 12.13 13.53
C GLU B 16 3.31 12.25 12.71
N PHE B 17 3.21 12.56 11.42
CA PHE B 17 4.40 12.75 10.60
C PHE B 17 5.14 14.02 11.01
N SER B 18 4.42 15.13 11.09
CA SER B 18 5.06 16.43 11.50
C SER B 18 5.72 16.33 12.89
N LEU B 19 5.12 15.53 13.77
CA LEU B 19 5.67 15.32 15.11
C LEU B 19 6.90 14.43 15.15
N VAL B 20 6.85 13.33 14.41
CA VAL B 20 8.03 12.44 14.27
C VAL B 20 9.19 13.33 13.90
N PHE B 21 8.95 14.26 12.98
CA PHE B 21 9.97 15.15 12.46
C PHE B 21 10.47 16.12 13.51
N GLN B 22 9.53 16.71 14.22
CA GLN B 22 9.81 17.65 15.26
C GLN B 22 10.66 17.00 16.37
N LYS B 23 10.23 15.82 16.80
CA LYS B 23 10.87 15.06 17.86
C LYS B 23 12.29 14.68 17.47
N VAL B 24 12.45 14.13 16.26
CA VAL B 24 13.73 13.71 15.75
C VAL B 24 14.73 14.86 15.73
N LYS B 25 14.24 16.05 15.37
CA LYS B 25 15.09 17.24 15.38
C LYS B 25 15.53 17.60 16.78
N GLU B 26 14.56 17.56 17.70
CA GLU B 26 14.79 17.85 19.12
C GLU B 26 15.81 16.86 19.77
N MET B 27 15.68 15.59 19.48
CA MET B 27 16.61 14.59 19.99
C MET B 27 18.04 14.76 19.48
N GLU B 28 18.17 15.17 18.24
CA GLU B 28 19.45 15.38 17.58
C GLU B 28 20.14 16.58 18.17
N LYS B 29 19.46 17.70 18.08
CA LYS B 29 19.99 19.05 18.38
C LYS B 29 18.97 19.72 19.28
N THR B 30 19.32 20.01 20.52
CA THR B 30 20.54 19.50 21.13
C THR B 30 20.28 18.08 21.52
N GLY B 31 20.57 17.72 22.75
CA GLY B 31 20.29 16.40 23.16
C GLY B 31 19.07 16.33 24.03
N ALA B 32 17.89 16.60 23.46
CA ALA B 32 16.65 16.41 24.24
C ALA B 32 16.35 14.92 24.40
N HIS B 33 15.99 14.51 25.62
CA HIS B 33 15.48 13.20 25.87
C HIS B 33 13.98 13.32 26.10
N ILE B 34 13.20 12.69 25.24
CA ILE B 34 11.76 12.86 25.22
C ILE B 34 11.03 11.61 25.57
N ILE B 35 10.04 11.73 26.44
CA ILE B 35 9.07 10.64 26.67
C ILE B 35 7.88 10.81 25.74
N ASN B 36 7.73 9.89 24.77
CA ASN B 36 6.75 10.09 23.70
C ASN B 36 5.49 9.28 24.01
N LEU B 37 4.45 9.93 24.51
CA LEU B 37 3.12 9.23 24.72
C LEU B 37 2.10 9.74 23.71
N GLY B 38 2.59 10.15 22.54
CA GLY B 38 1.73 10.57 21.44
C GLY B 38 1.22 9.40 20.58
N GLN B 39 1.97 9.06 19.55
CA GLN B 39 1.62 7.95 18.69
C GLN B 39 1.39 6.70 19.51
N GLY B 40 0.35 5.94 19.15
CA GLY B 40 0.00 4.77 19.88
C GLY B 40 0.84 3.62 19.40
N ASN B 41 2.13 3.72 19.66
CA ASN B 41 3.13 2.81 19.14
C ASN B 41 3.46 1.80 20.23
N PRO B 42 3.01 0.53 20.07
CA PRO B 42 3.24 -0.49 21.11
C PRO B 42 4.71 -0.57 21.44
N ASP B 43 5.04 -0.60 22.73
CA ASP B 43 6.42 -0.63 23.23
C ASP B 43 6.92 -2.06 23.39
N LEU B 44 5.99 -3.03 23.44
CA LEU B 44 6.33 -4.42 23.67
C LEU B 44 6.55 -5.12 22.34
N PRO B 45 7.42 -6.13 22.30
CA PRO B 45 7.72 -6.80 21.03
C PRO B 45 6.64 -7.78 20.53
N THR B 46 6.65 -8.05 19.23
CA THR B 46 5.87 -9.11 18.66
C THR B 46 6.19 -10.41 19.40
N PRO B 47 5.15 -11.20 19.78
CA PRO B 47 5.41 -12.49 20.38
C PRO B 47 6.28 -13.39 19.49
N PRO B 48 7.24 -14.11 20.12
CA PRO B 48 8.23 -14.93 19.47
C PRO B 48 7.69 -15.95 18.45
N HIS B 49 6.52 -16.53 18.71
CA HIS B 49 6.00 -17.56 17.78
C HIS B 49 5.59 -16.96 16.41
N ILE B 50 5.19 -15.70 16.42
CA ILE B 50 4.87 -14.95 15.22
C ILE B 50 6.15 -14.62 14.47
N VAL B 51 7.15 -14.17 15.20
CA VAL B 51 8.46 -13.90 14.61
C VAL B 51 9.05 -15.17 13.95
N GLU B 52 8.96 -16.28 14.66
CA GLU B 52 9.54 -17.52 14.09
C GLU B 52 8.75 -18.03 12.88
N ALA B 53 7.44 -17.82 12.90
CA ALA B 53 6.58 -18.16 11.73
C ALA B 53 7.08 -17.43 10.47
N LEU B 54 7.35 -16.15 10.57
CA LEU B 54 7.93 -15.38 9.44
C LEU B 54 9.31 -15.92 9.02
N ARG B 55 10.12 -16.23 10.01
CA ARG B 55 11.47 -16.65 9.75
C ARG B 55 11.53 -17.97 8.98
N GLU B 56 10.70 -18.92 9.37
CA GLU B 56 10.65 -20.21 8.69
C GLU B 56 10.02 -20.08 7.31
N ALA B 57 8.89 -19.35 7.25
CA ALA B 57 8.17 -19.10 5.99
C ALA B 57 9.00 -18.44 4.91
N SER B 58 9.90 -17.52 5.28
CA SER B 58 10.73 -16.82 4.27
C SER B 58 11.66 -17.76 3.49
N LEU B 59 11.98 -18.91 4.08
CA LEU B 59 12.74 -19.95 3.39
C LEU B 59 11.98 -20.69 2.30
N ASN B 60 10.66 -20.53 2.26
CA ASN B 60 9.80 -21.21 1.29
C ASN B 60 9.74 -20.46 -0.06
N PRO B 61 10.47 -20.98 -1.10
CA PRO B 61 10.61 -20.29 -2.37
C PRO B 61 9.27 -20.02 -3.09
N SER B 62 8.22 -20.79 -2.77
CA SER B 62 6.88 -20.52 -3.26
C SER B 62 6.46 -19.07 -2.98
N PHE B 63 6.95 -18.51 -1.86
CA PHE B 63 6.63 -17.14 -1.50
C PHE B 63 7.61 -16.13 -2.11
N HIS B 64 8.60 -16.56 -2.88
CA HIS B 64 9.53 -15.58 -3.45
C HIS B 64 8.95 -14.99 -4.73
N GLY B 65 7.99 -15.71 -5.31
CA GLY B 65 7.31 -15.26 -6.53
C GLY B 65 5.94 -14.72 -6.26
N TYR B 66 5.30 -14.23 -7.33
CA TYR B 66 3.95 -13.72 -7.23
C TYR B 66 3.04 -14.77 -6.65
N GLY B 67 2.18 -14.37 -5.72
CA GLY B 67 1.21 -15.25 -5.14
C GLY B 67 -0.16 -14.94 -5.71
N PRO B 68 -1.20 -15.53 -5.13
CA PRO B 68 -2.56 -15.14 -5.51
C PRO B 68 -2.78 -13.65 -5.20
N PHE B 69 -3.44 -12.96 -6.12
CA PHE B 69 -3.56 -11.52 -5.99
C PHE B 69 -4.33 -11.09 -4.73
N ARG B 70 -5.29 -11.91 -4.32
CA ARG B 70 -6.21 -11.54 -3.23
C ARG B 70 -5.87 -12.15 -1.89
N GLY B 71 -4.72 -12.82 -1.84
CA GLY B 71 -4.21 -13.42 -0.64
C GLY B 71 -4.21 -14.94 -0.70
N TYR B 72 -3.43 -15.53 0.17
CA TYR B 72 -3.35 -16.97 0.28
C TYR B 72 -4.57 -17.50 1.03
N PRO B 73 -5.20 -18.60 0.53
CA PRO B 73 -6.41 -19.12 1.18
C PRO B 73 -6.18 -19.48 2.61
N PHE B 74 -4.98 -19.99 2.95
CA PHE B 74 -4.68 -20.37 4.31
C PHE B 74 -4.85 -19.21 5.31
N LEU B 75 -4.66 -17.97 4.85
CA LEU B 75 -4.80 -16.82 5.74
C LEU B 75 -6.26 -16.46 5.91
N LYS B 76 -7.01 -16.47 4.79
CA LYS B 76 -8.42 -16.10 4.84
C LYS B 76 -9.25 -17.08 5.70
N GLU B 77 -8.90 -18.37 5.60
CA GLU B 77 -9.42 -19.41 6.46
C GLU B 77 -9.05 -19.19 7.94
N ALA B 78 -7.80 -18.76 8.20
CA ALA B 78 -7.38 -18.45 9.57
C ALA B 78 -8.15 -17.25 10.14
N ILE B 79 -8.44 -16.27 9.29
CA ILE B 79 -9.27 -15.16 9.65
C ILE B 79 -10.72 -15.60 9.96
N ALA B 80 -11.26 -16.50 9.16
CA ALA B 80 -12.66 -16.92 9.40
C ALA B 80 -12.75 -17.67 10.74
N ALA B 81 -11.77 -18.54 10.96
CA ALA B 81 -11.65 -19.33 12.19
C ALA B 81 -11.49 -18.48 13.44
N PHE B 82 -10.71 -17.41 13.31
CA PHE B 82 -10.50 -16.49 14.40
C PHE B 82 -11.78 -15.77 14.80
N TYR B 83 -12.51 -15.27 13.80
CA TYR B 83 -13.75 -14.59 14.05
C TYR B 83 -14.86 -15.47 14.60
N LYS B 84 -14.81 -16.76 14.25
CA LYS B 84 -15.73 -17.70 14.85
C LYS B 84 -15.38 -17.96 16.32
N ARG B 85 -14.09 -18.05 16.61
CA ARG B 85 -13.62 -18.39 17.95
C ARG B 85 -13.81 -17.21 18.94
N GLU B 86 -13.33 -16.03 18.57
CA GLU B 86 -13.42 -14.82 19.40
C GLU B 86 -14.82 -14.26 19.52
N TYR B 87 -15.56 -14.29 18.42
CA TYR B 87 -16.86 -13.67 18.33
C TYR B 87 -17.74 -14.78 17.84
N GLY B 88 -19.05 -14.59 17.83
CA GLY B 88 -19.93 -15.70 17.37
C GLY B 88 -20.05 -15.85 15.85
N VAL B 89 -19.16 -15.21 15.09
CA VAL B 89 -19.41 -14.80 13.70
C VAL B 89 -18.93 -15.78 12.62
N THR B 90 -19.86 -16.24 11.79
CA THR B 90 -19.54 -17.08 10.64
C THR B 90 -19.14 -16.23 9.45
N ILE B 91 -17.95 -16.49 8.93
CA ILE B 91 -17.38 -15.75 7.82
C ILE B 91 -16.95 -16.65 6.67
N ASN B 92 -17.48 -16.37 5.49
CA ASN B 92 -17.11 -17.12 4.27
C ASN B 92 -15.78 -16.56 3.69
N PRO B 93 -14.69 -17.32 3.82
CA PRO B 93 -13.36 -16.86 3.48
C PRO B 93 -13.07 -16.75 1.99
N GLU B 94 -13.93 -17.25 1.12
CA GLU B 94 -13.67 -17.17 -0.29
C GLU B 94 -14.38 -15.96 -0.87
N THR B 95 -15.29 -15.38 -0.10
CA THR B 95 -16.06 -14.25 -0.55
C THR B 95 -16.17 -13.07 0.45
N GLU B 96 -15.85 -13.28 1.70
CA GLU B 96 -16.15 -12.23 2.71
C GLU B 96 -14.91 -11.71 3.45
N VAL B 97 -13.74 -11.92 2.89
CA VAL B 97 -12.47 -11.52 3.50
C VAL B 97 -11.63 -10.80 2.49
N ALA B 98 -11.03 -9.66 2.90
CA ALA B 98 -10.03 -9.01 2.05
C ALA B 98 -8.83 -8.64 2.91
N LEU B 99 -7.66 -8.67 2.30
CA LEU B 99 -6.40 -8.31 3.02
C LEU B 99 -5.87 -6.94 2.64
N PHE B 100 -5.30 -6.24 3.62
CA PHE B 100 -4.71 -4.92 3.44
C PHE B 100 -3.33 -4.84 4.07
N GLY B 101 -2.47 -4.02 3.47
CA GLY B 101 -1.21 -3.59 4.10
C GLY B 101 -1.44 -2.56 5.23
N GLY B 102 -2.07 -2.99 6.31
CA GLY B 102 -2.44 -2.14 7.41
C GLY B 102 -3.83 -1.48 7.33
N GLY B 103 -4.36 -1.15 8.50
CA GLY B 103 -5.67 -0.57 8.62
C GLY B 103 -5.80 0.77 7.98
N LYS B 104 -4.72 1.54 8.02
CA LYS B 104 -4.71 2.82 7.36
C LYS B 104 -4.90 2.70 5.84
N ALA B 105 -4.33 1.67 5.26
CA ALA B 105 -4.47 1.40 3.81
C ALA B 105 -5.92 0.91 3.54
N GLY B 106 -6.44 0.13 4.49
CA GLY B 106 -7.78 -0.43 4.40
C GLY B 106 -8.78 0.70 4.27
N LEU B 107 -8.65 1.67 5.18
CA LEU B 107 -9.50 2.84 5.20
C LEU B 107 -9.49 3.57 3.91
N TYR B 108 -8.30 3.85 3.36
CA TYR B 108 -8.20 4.49 2.06
C TYR B 108 -8.93 3.67 0.94
N VAL B 109 -8.63 2.38 0.89
CA VAL B 109 -9.24 1.52 -0.14
C VAL B 109 -10.79 1.45 -0.03
N LEU B 110 -11.31 1.31 1.18
CA LEU B 110 -12.73 1.23 1.44
C LEU B 110 -13.40 2.52 1.08
N THR B 111 -12.76 3.65 1.41
CA THR B 111 -13.28 4.93 1.03
C THR B 111 -13.38 5.07 -0.49
N GLN B 112 -12.31 4.69 -1.20
CA GLN B 112 -12.27 4.83 -2.65
C GLN B 112 -13.26 3.87 -3.34
N CYS B 113 -13.49 2.71 -2.75
CA CYS B 113 -14.42 1.72 -3.32
C CYS B 113 -15.87 1.97 -2.94
N LEU B 114 -16.17 3.04 -2.23
CA LEU B 114 -17.52 3.24 -1.73
C LEU B 114 -18.08 4.64 -1.90
N LEU B 115 -17.24 5.63 -2.20
CA LEU B 115 -17.68 7.01 -2.29
C LEU B 115 -17.44 7.58 -3.66
N ASN B 116 -18.46 8.24 -4.21
CA ASN B 116 -18.32 9.07 -5.42
C ASN B 116 -18.15 10.53 -5.10
N PRO B 117 -17.53 11.29 -6.02
CA PRO B 117 -17.49 12.74 -5.83
C PRO B 117 -18.87 13.28 -5.46
N GLY B 118 -18.92 14.13 -4.44
CA GLY B 118 -20.17 14.74 -3.99
C GLY B 118 -20.94 13.91 -2.99
N ASP B 119 -20.64 12.61 -2.90
CA ASP B 119 -21.28 11.76 -1.90
C ASP B 119 -21.05 12.27 -0.49
N ILE B 120 -21.92 11.89 0.43
CA ILE B 120 -21.77 12.28 1.83
C ILE B 120 -21.30 11.10 2.70
N ALA B 121 -20.34 11.38 3.57
CA ALA B 121 -19.87 10.40 4.57
C ALA B 121 -20.09 10.93 5.99
N LEU B 122 -20.63 10.07 6.83
CA LEU B 122 -20.91 10.34 8.23
C LEU B 122 -19.72 9.96 9.11
N VAL B 123 -19.07 10.97 9.68
CA VAL B 123 -17.80 10.76 10.42
C VAL B 123 -17.93 11.20 11.87
N PRO B 124 -17.48 10.36 12.81
CA PRO B 124 -17.58 10.76 14.19
C PRO B 124 -16.66 11.94 14.50
N ASN B 125 -17.10 12.77 15.44
CA ASN B 125 -16.33 13.86 15.99
C ASN B 125 -16.47 13.77 17.52
N PRO B 126 -15.39 13.37 18.24
CA PRO B 126 -14.03 13.16 17.74
C PRO B 126 -13.84 11.86 16.97
N GLY B 127 -12.84 11.86 16.09
CA GLY B 127 -12.49 10.59 15.36
C GLY B 127 -11.10 10.52 14.74
N TYR B 128 -10.67 9.30 14.44
CA TYR B 128 -9.41 9.05 13.77
C TYR B 128 -9.25 9.98 12.55
N PRO B 129 -8.15 10.74 12.47
CA PRO B 129 -7.96 11.70 11.41
C PRO B 129 -8.00 11.14 9.99
N GLU B 130 -7.68 9.88 9.81
CA GLU B 130 -7.64 9.34 8.48
C GLU B 130 -9.03 9.17 7.84
N TYR B 131 -10.07 9.08 8.68
CA TYR B 131 -11.45 9.06 8.13
C TYR B 131 -11.65 10.25 7.21
N LEU B 132 -11.32 11.43 7.72
CA LEU B 132 -11.46 12.69 6.98
C LEU B 132 -10.52 12.79 5.79
N SER B 133 -9.34 12.17 5.89
CA SER B 133 -8.35 12.19 4.81
C SER B 133 -8.84 11.47 3.59
N GLY B 134 -9.41 10.30 3.78
CA GLY B 134 -9.85 9.48 2.65
C GLY B 134 -11.06 10.08 1.94
N ILE B 135 -11.98 10.57 2.75
CA ILE B 135 -13.14 11.31 2.24
C ILE B 135 -12.75 12.41 1.27
N THR B 136 -11.77 13.19 1.68
CA THR B 136 -11.33 14.34 0.92
C THR B 136 -10.67 13.89 -0.39
N MET B 137 -9.87 12.84 -0.32
CA MET B 137 -9.29 12.23 -1.54
C MET B 137 -10.36 11.68 -2.47
N ALA B 138 -11.48 11.25 -1.90
CA ALA B 138 -12.64 10.79 -2.66
C ALA B 138 -13.51 11.95 -3.19
N ARG B 139 -13.16 13.18 -2.80
CA ARG B 139 -13.88 14.39 -3.17
C ARG B 139 -15.31 14.36 -2.65
N ALA B 140 -15.51 13.73 -1.50
CA ALA B 140 -16.84 13.57 -0.93
C ALA B 140 -17.06 14.60 0.13
N GLU B 141 -18.32 14.76 0.55
CA GLU B 141 -18.69 15.74 1.59
C GLU B 141 -18.64 15.09 2.98
N LEU B 142 -18.11 15.79 3.96
CA LEU B 142 -18.09 15.30 5.32
C LEU B 142 -19.29 15.84 6.10
N TYR B 143 -19.98 14.94 6.80
CA TYR B 143 -20.98 15.33 7.80
C TYR B 143 -20.63 14.69 9.13
N GLU B 144 -20.61 15.49 10.20
CA GLU B 144 -20.16 15.04 11.52
C GLU B 144 -21.23 14.41 12.39
N MET B 145 -20.87 13.33 13.04
CA MET B 145 -21.69 12.73 14.09
C MET B 145 -21.06 12.99 15.44
N PRO B 146 -21.57 13.97 16.19
CA PRO B 146 -20.92 14.31 17.44
C PRO B 146 -20.89 13.15 18.42
N LEU B 147 -19.75 12.98 19.08
CA LEU B 147 -19.66 11.99 20.15
C LEU B 147 -19.51 12.77 21.47
N TYR B 148 -20.53 12.70 22.30
CA TYR B 148 -20.56 13.49 23.56
C TYR B 148 -20.42 12.55 24.73
N GLU B 149 -19.74 13.02 25.78
CA GLU B 149 -19.47 12.24 27.00
C GLU B 149 -20.74 11.76 27.68
N GLU B 150 -21.77 12.59 27.62
CA GLU B 150 -23.03 12.31 28.31
C GLU B 150 -23.74 11.15 27.64
N ASN B 151 -23.49 11.02 26.33
CA ASN B 151 -23.95 9.87 25.56
C ASN B 151 -22.99 8.67 25.57
N GLY B 152 -21.99 8.70 26.45
CA GLY B 152 -20.97 7.65 26.44
C GLY B 152 -20.21 7.64 25.11
N TYR B 153 -20.12 8.80 24.46
CA TYR B 153 -19.44 8.93 23.20
C TYR B 153 -19.99 8.02 22.09
N LEU B 154 -21.24 7.55 22.22
CA LEU B 154 -21.96 6.90 21.16
C LEU B 154 -22.76 7.94 20.39
N PRO B 155 -22.89 7.78 19.08
CA PRO B 155 -23.54 8.87 18.34
C PRO B 155 -25.03 8.77 18.51
N ASP B 156 -25.73 9.91 18.35
CA ASP B 156 -27.20 9.92 18.39
C ASP B 156 -27.74 9.98 16.95
N PHE B 157 -28.02 8.82 16.37
CA PHE B 157 -28.39 8.74 14.95
C PHE B 157 -29.63 9.57 14.57
N GLU B 158 -30.65 9.47 15.43
CA GLU B 158 -31.83 10.33 15.31
C GLU B 158 -31.49 11.80 15.12
N LYS B 159 -30.32 12.25 15.54
CA LYS B 159 -29.97 13.67 15.47
C LYS B 159 -29.34 14.05 14.14
N ILE B 160 -29.08 13.08 13.28
CA ILE B 160 -28.61 13.43 11.94
C ILE B 160 -29.78 14.04 11.15
N ASP B 161 -29.56 15.24 10.63
CA ASP B 161 -30.45 15.88 9.68
C ASP B 161 -30.93 14.88 8.62
N PRO B 162 -32.24 14.55 8.61
CA PRO B 162 -32.76 13.57 7.65
C PRO B 162 -32.49 13.91 6.18
N ALA B 163 -32.28 15.19 5.89
CA ALA B 163 -31.95 15.65 4.53
C ALA B 163 -30.58 15.18 4.01
N VAL B 164 -29.72 14.72 4.92
CA VAL B 164 -28.38 14.24 4.58
C VAL B 164 -28.37 12.75 4.18
N LEU B 165 -29.33 12.01 4.71
CA LEU B 165 -29.33 10.55 4.60
C LEU B 165 -29.47 10.01 3.20
N GLU B 166 -29.95 10.83 2.26
CA GLU B 166 -30.05 10.41 0.87
C GLU B 166 -28.68 10.45 0.21
N LYS B 167 -27.99 11.57 0.35
CA LYS B 167 -26.63 11.70 -0.21
C LYS B 167 -25.56 10.99 0.64
N ALA B 168 -25.93 10.53 1.84
CA ALA B 168 -25.02 9.78 2.73
C ALA B 168 -24.86 8.34 2.25
N LYS B 169 -23.67 7.99 1.77
CA LYS B 169 -23.39 6.64 1.25
C LYS B 169 -22.43 5.85 2.14
N LEU B 170 -21.91 6.46 3.20
CA LEU B 170 -20.87 5.85 4.05
C LEU B 170 -20.92 6.38 5.48
N MET B 171 -20.72 5.49 6.44
CA MET B 171 -20.56 5.88 7.82
C MET B 171 -19.41 5.08 8.50
N PHE B 172 -18.51 5.80 9.16
CA PHE B 172 -17.50 5.19 10.05
C PHE B 172 -17.95 5.17 11.51
N LEU B 173 -17.74 4.06 12.19
CA LEU B 173 -17.81 3.98 13.64
C LEU B 173 -16.58 3.20 14.14
N ASN B 174 -16.26 3.39 15.40
CA ASN B 174 -14.97 2.93 15.93
C ASN B 174 -15.03 2.70 17.42
N TYR B 175 -15.24 1.46 17.84
CA TYR B 175 -15.33 1.08 19.26
C TYR B 175 -14.64 -0.25 19.43
N PRO B 176 -13.78 -0.39 20.46
CA PRO B 176 -13.23 0.56 21.41
C PRO B 176 -12.65 1.78 20.71
N ASN B 177 -12.94 2.97 21.26
CA ASN B 177 -12.80 4.19 20.52
C ASN B 177 -11.46 4.90 20.72
N ASN B 178 -10.85 5.27 19.61
CA ASN B 178 -9.79 6.29 19.53
C ASN B 178 -10.42 7.68 19.20
N PRO B 179 -10.29 8.69 20.09
CA PRO B 179 -9.37 8.85 21.26
C PRO B 179 -10.00 8.67 22.65
N THR B 180 -11.31 8.42 22.75
CA THR B 180 -12.04 8.51 24.03
C THR B 180 -11.95 7.29 24.90
N GLY B 181 -11.68 6.12 24.34
CA GLY B 181 -11.63 4.89 25.10
C GLY B 181 -13.03 4.31 25.43
N ALA B 182 -14.02 4.83 24.75
CA ALA B 182 -15.40 4.46 24.92
C ALA B 182 -15.63 3.12 24.30
N VAL B 183 -16.62 2.37 24.79
CA VAL B 183 -16.93 1.04 24.23
C VAL B 183 -18.37 0.99 23.80
N ALA B 184 -18.68 0.05 22.90
CA ALA B 184 -20.07 -0.18 22.40
C ALA B 184 -20.56 -1.54 22.78
N ASP B 185 -21.87 -1.72 22.81
CA ASP B 185 -22.48 -3.01 23.16
C ASP B 185 -23.30 -3.55 22.01
N ALA B 186 -23.74 -4.80 22.12
CA ALA B 186 -24.52 -5.44 21.06
C ALA B 186 -25.73 -4.60 20.60
N ALA B 187 -26.38 -3.94 21.53
CA ALA B 187 -27.58 -3.17 21.23
C ALA B 187 -27.22 -2.02 20.34
N PHE B 188 -26.11 -1.34 20.66
CA PHE B 188 -25.69 -0.23 19.84
C PHE B 188 -25.46 -0.66 18.40
N TYR B 189 -24.83 -1.81 18.21
CA TYR B 189 -24.48 -2.24 16.86
C TYR B 189 -25.77 -2.58 16.10
N ALA B 190 -26.70 -3.25 16.79
CA ALA B 190 -28.02 -3.57 16.21
C ALA B 190 -28.69 -2.31 15.73
N LYS B 191 -28.70 -1.29 16.59
CA LYS B 191 -29.27 0.00 16.22
C LYS B 191 -28.56 0.64 15.03
N ALA B 192 -27.24 0.53 14.96
CA ALA B 192 -26.47 1.11 13.83
C ALA B 192 -26.76 0.42 12.51
N ALA B 193 -26.75 -0.90 12.54
CA ALA B 193 -27.12 -1.75 11.39
C ALA B 193 -28.55 -1.47 10.89
N ALA B 194 -29.50 -1.46 11.83
CA ALA B 194 -30.88 -1.06 11.58
C ALA B 194 -30.93 0.26 10.84
N PHE B 195 -30.20 1.25 11.35
CA PHE B 195 -30.22 2.62 10.80
C PHE B 195 -29.57 2.72 9.44
N ALA B 196 -28.54 1.90 9.23
CA ALA B 196 -27.79 1.88 7.98
C ALA B 196 -28.64 1.32 6.87
N LYS B 197 -29.27 0.17 7.14
CA LYS B 197 -30.15 -0.48 6.17
C LYS B 197 -31.38 0.38 5.82
N GLU B 198 -31.90 1.11 6.80
CA GLU B 198 -33.09 1.91 6.63
C GLU B 198 -32.82 3.13 5.81
N HIS B 199 -31.54 3.50 5.62
CA HIS B 199 -31.22 4.63 4.75
C HIS B 199 -30.17 4.33 3.70
N ASN B 200 -29.87 3.05 3.47
CA ASN B 200 -28.89 2.64 2.46
C ASN B 200 -27.50 3.30 2.63
N ILE B 201 -26.91 3.10 3.79
CA ILE B 201 -25.58 3.64 4.08
C ILE B 201 -24.62 2.48 4.28
N HIS B 202 -23.49 2.48 3.56
CA HIS B 202 -22.43 1.52 3.80
C HIS B 202 -21.77 1.79 5.18
N LEU B 203 -21.72 0.77 6.02
CA LEU B 203 -21.24 0.98 7.39
C LEU B 203 -19.90 0.29 7.60
N ILE B 204 -18.90 1.08 7.94
CA ILE B 204 -17.57 0.52 8.22
C ILE B 204 -17.25 0.60 9.69
N HIS B 205 -17.05 -0.55 10.30
CA HIS B 205 -16.67 -0.55 11.68
C HIS B 205 -15.17 -0.82 11.84
N ASP B 206 -14.51 0.15 12.42
CA ASP B 206 -13.06 0.08 12.71
C ASP B 206 -12.85 -0.56 14.09
N PHE B 207 -12.26 -1.75 14.08
CA PHE B 207 -12.10 -2.58 15.23
C PHE B 207 -10.65 -2.75 15.58
N ALA B 208 -9.86 -1.72 15.31
CA ALA B 208 -8.44 -1.76 15.54
C ALA B 208 -8.04 -2.09 16.96
N TYR B 209 -8.87 -1.68 17.96
CA TYR B 209 -8.64 -1.91 19.38
C TYR B 209 -9.59 -2.91 19.96
N GLY B 210 -10.11 -3.79 19.11
CA GLY B 210 -11.06 -4.79 19.50
C GLY B 210 -10.62 -5.82 20.52
N ALA B 211 -9.30 -5.94 20.75
CA ALA B 211 -8.78 -6.84 21.77
C ALA B 211 -8.82 -6.19 23.17
N PHE B 212 -9.04 -4.89 23.24
CA PHE B 212 -8.72 -4.14 24.45
C PHE B 212 -9.97 -3.49 25.03
N GLU B 213 -10.88 -4.33 25.50
CA GLU B 213 -11.99 -3.89 26.38
C GLU B 213 -11.73 -4.59 27.69
N PHE B 214 -11.68 -3.82 28.78
CA PHE B 214 -11.18 -4.40 30.04
C PHE B 214 -12.20 -5.20 30.84
N ASP B 215 -13.38 -4.63 31.06
CA ASP B 215 -14.34 -5.14 32.02
C ASP B 215 -15.38 -6.10 31.40
N GLN B 216 -15.44 -6.16 30.08
CA GLN B 216 -16.40 -7.02 29.38
C GLN B 216 -15.72 -7.74 28.23
N LYS B 217 -16.45 -8.68 27.63
CA LYS B 217 -16.00 -9.36 26.42
C LYS B 217 -16.24 -8.41 25.26
N PRO B 218 -15.23 -8.14 24.41
CA PRO B 218 -15.42 -7.16 23.35
C PRO B 218 -16.40 -7.67 22.30
N ALA B 219 -17.31 -6.82 21.85
CA ALA B 219 -18.37 -7.22 20.92
C ALA B 219 -18.08 -6.74 19.51
N SER B 220 -18.10 -7.69 18.57
CA SER B 220 -17.91 -7.40 17.14
C SER B 220 -19.17 -6.78 16.57
N PHE B 221 -19.00 -5.81 15.68
CA PHE B 221 -20.14 -5.26 14.93
C PHE B 221 -20.86 -6.33 14.10
N LEU B 222 -20.13 -7.35 13.66
CA LEU B 222 -20.72 -8.41 12.86
C LEU B 222 -21.61 -9.37 13.66
N GLU B 223 -21.65 -9.24 14.99
CA GLU B 223 -22.50 -10.06 15.82
C GLU B 223 -23.94 -9.62 15.69
N ALA B 224 -24.14 -8.40 15.21
CA ALA B 224 -25.45 -7.78 15.12
C ALA B 224 -26.22 -8.28 13.91
N GLU B 225 -27.53 -8.47 14.07
CA GLU B 225 -28.42 -8.70 12.92
C GLU B 225 -28.26 -7.55 11.95
N ASP B 226 -28.26 -7.84 10.65
CA ASP B 226 -28.18 -6.80 9.59
C ASP B 226 -26.76 -6.28 9.34
N ALA B 227 -25.80 -6.70 10.17
CA ALA B 227 -24.45 -6.21 10.09
C ALA B 227 -23.84 -6.55 8.73
N LYS B 228 -23.78 -7.84 8.38
CA LYS B 228 -23.18 -8.22 7.12
C LYS B 228 -24.01 -7.80 5.91
N THR B 229 -25.24 -7.34 6.17
CA THR B 229 -26.12 -6.81 5.16
C THR B 229 -25.72 -5.43 4.69
N VAL B 230 -25.27 -4.57 5.62
CA VAL B 230 -25.00 -3.17 5.30
C VAL B 230 -23.50 -2.75 5.28
N GLY B 231 -22.56 -3.65 5.63
CA GLY B 231 -21.18 -3.19 5.82
C GLY B 231 -20.14 -4.21 6.20
N ALA B 232 -19.00 -3.73 6.69
CA ALA B 232 -17.86 -4.56 6.91
C ALA B 232 -17.13 -4.11 8.16
N GLU B 233 -16.26 -4.97 8.69
CA GLU B 233 -15.42 -4.60 9.87
C GLU B 233 -13.92 -4.66 9.51
N LEU B 234 -13.20 -3.63 9.92
CA LEU B 234 -11.75 -3.56 9.75
C LEU B 234 -11.01 -3.99 11.02
N TYR B 235 -10.19 -5.04 10.88
CA TYR B 235 -9.34 -5.55 11.95
C TYR B 235 -7.83 -5.36 11.62
N SER B 236 -7.05 -4.86 12.57
CA SER B 236 -5.61 -4.65 12.41
C SER B 236 -4.85 -5.62 13.31
N PHE B 237 -3.72 -6.11 12.83
CA PHE B 237 -2.74 -6.90 13.64
C PHE B 237 -1.91 -5.98 14.54
N SER B 238 -2.04 -4.70 14.31
CA SER B 238 -1.07 -3.72 14.86
C SER B 238 -1.03 -3.72 16.37
N LYS B 239 -2.21 -3.53 16.94
CA LYS B 239 -2.35 -3.45 18.38
C LYS B 239 -2.58 -4.76 19.06
N THR B 240 -3.38 -5.63 18.49
CA THR B 240 -3.61 -6.91 19.11
C THR B 240 -2.33 -7.70 19.38
N PHE B 241 -1.43 -7.70 18.40
CA PHE B 241 -0.27 -8.57 18.44
C PHE B 241 1.06 -7.82 18.43
N ASN B 242 1.09 -6.54 18.82
CA ASN B 242 2.33 -5.72 18.72
C ASN B 242 3.00 -5.91 17.35
N MET B 243 2.20 -5.70 16.29
CA MET B 243 2.65 -5.85 14.93
C MET B 243 2.46 -4.59 14.14
N ALA B 244 2.43 -3.43 14.82
CA ALA B 244 2.36 -2.16 14.17
C ALA B 244 3.28 -2.01 12.94
N GLY B 245 4.52 -2.40 13.09
CA GLY B 245 5.49 -2.22 11.99
C GLY B 245 5.34 -3.18 10.81
N TRP B 246 4.59 -4.26 10.98
CA TRP B 246 4.47 -5.34 9.98
C TRP B 246 3.50 -4.99 8.84
N ARG B 247 2.60 -4.05 9.13
CA ARG B 247 1.65 -3.46 8.15
C ARG B 247 0.64 -4.48 7.62
N MET B 248 -0.20 -5.01 8.50
CA MET B 248 -1.17 -6.04 8.13
C MET B 248 -2.51 -5.85 8.79
N ALA B 249 -3.55 -6.10 7.96
CA ALA B 249 -4.93 -5.89 8.38
C ALA B 249 -5.87 -6.64 7.47
N PHE B 250 -7.13 -6.68 7.88
CA PHE B 250 -8.14 -7.30 7.00
C PHE B 250 -9.48 -6.70 7.21
N ALA B 251 -10.33 -6.83 6.19
CA ALA B 251 -11.73 -6.53 6.32
C ALA B 251 -12.56 -7.80 6.17
N VAL B 252 -13.59 -7.92 7.01
CA VAL B 252 -14.59 -9.02 6.95
C VAL B 252 -15.96 -8.38 6.86
N GLY B 253 -16.81 -8.91 5.99
CA GLY B 253 -18.16 -8.34 5.85
C GLY B 253 -18.85 -8.69 4.56
N ASN B 254 -19.77 -7.82 4.17
CA ASN B 254 -20.58 -7.94 2.97
C ASN B 254 -19.80 -8.26 1.71
N GLU B 255 -20.21 -9.36 1.07
CA GLU B 255 -19.48 -9.91 -0.06
C GLU B 255 -19.37 -8.97 -1.25
N LYS B 256 -20.35 -8.06 -1.37
CA LYS B 256 -20.34 -7.00 -2.39
C LYS B 256 -19.29 -5.90 -2.12
N ILE B 257 -19.13 -5.53 -0.86
CA ILE B 257 -18.09 -4.58 -0.49
C ILE B 257 -16.75 -5.22 -0.74
N ILE B 258 -16.63 -6.50 -0.39
CA ILE B 258 -15.39 -7.21 -0.54
C ILE B 258 -14.98 -7.37 -2.01
N GLN B 259 -15.93 -7.68 -2.88
CA GLN B 259 -15.63 -7.80 -4.31
C GLN B 259 -15.15 -6.48 -4.89
N ALA B 260 -15.77 -5.39 -4.42
CA ALA B 260 -15.36 -4.07 -4.81
C ALA B 260 -13.88 -3.81 -4.40
N VAL B 261 -13.59 -4.09 -3.13
CA VAL B 261 -12.21 -4.06 -2.60
C VAL B 261 -11.27 -4.87 -3.49
N ASN B 262 -11.67 -6.12 -3.78
CA ASN B 262 -10.86 -7.01 -4.63
C ASN B 262 -10.63 -6.47 -6.05
N GLU B 263 -11.65 -5.84 -6.64
CA GLU B 263 -11.51 -5.28 -7.96
C GLU B 263 -10.54 -4.09 -7.98
N PHE B 264 -10.48 -3.34 -6.90
CA PHE B 264 -9.46 -2.27 -6.76
C PHE B 264 -8.04 -2.80 -6.63
N GLN B 265 -7.86 -3.68 -5.65
CA GLN B 265 -6.54 -4.10 -5.24
C GLN B 265 -5.83 -5.01 -6.22
N ASP B 266 -6.60 -5.72 -7.06
CA ASP B 266 -6.03 -6.50 -8.18
C ASP B 266 -5.14 -5.61 -9.07
N HIS B 267 -5.46 -4.32 -9.16
CA HIS B 267 -4.75 -3.41 -10.01
C HIS B 267 -3.66 -2.59 -9.34
N VAL B 268 -3.68 -2.56 -8.00
CA VAL B 268 -2.71 -1.75 -7.22
C VAL B 268 -1.76 -2.62 -6.36
N PHE B 269 -2.06 -3.91 -6.15
CA PHE B 269 -1.36 -4.76 -5.14
C PHE B 269 -0.86 -6.19 -5.50
N VAL B 270 -1.77 -7.12 -5.67
CA VAL B 270 -1.38 -8.54 -5.70
C VAL B 270 -0.96 -9.11 -4.31
N GLY B 271 -1.65 -8.65 -3.25
CA GLY B 271 -1.42 -9.19 -1.89
C GLY B 271 -0.14 -8.63 -1.27
N MET B 272 0.46 -9.42 -0.38
CA MET B 272 1.73 -9.09 0.30
C MET B 272 2.51 -10.37 0.55
N PHE B 273 3.78 -10.21 0.91
CA PHE B 273 4.74 -11.32 1.02
C PHE B 273 4.16 -12.49 1.75
N GLY B 274 4.36 -13.67 1.20
CA GLY B 274 3.75 -14.83 1.79
C GLY B 274 4.28 -15.13 3.18
N GLY B 275 5.53 -14.80 3.45
CA GLY B 275 6.05 -14.89 4.80
C GLY B 275 5.28 -14.11 5.84
N LEU B 276 4.79 -12.91 5.48
CA LEU B 276 3.96 -12.11 6.39
C LEU B 276 2.58 -12.72 6.56
N GLN B 277 2.06 -13.34 5.51
CA GLN B 277 0.72 -13.94 5.61
C GLN B 277 0.73 -15.17 6.56
N GLN B 278 1.79 -15.98 6.47
CA GLN B 278 1.98 -17.09 7.43
C GLN B 278 2.20 -16.64 8.87
N ALA B 279 3.01 -15.61 9.06
CA ALA B 279 3.14 -14.95 10.36
C ALA B 279 1.81 -14.47 10.92
N ALA B 280 0.96 -13.85 10.09
CA ALA B 280 -0.35 -13.43 10.53
C ALA B 280 -1.28 -14.60 10.88
N SER B 281 -1.19 -15.64 10.07
CA SER B 281 -1.93 -16.88 10.30
C SER B 281 -1.56 -17.47 11.66
N ALA B 282 -0.27 -17.40 12.02
CA ALA B 282 0.17 -17.95 13.30
C ALA B 282 -0.20 -17.03 14.47
N ALA B 283 -0.31 -15.72 14.22
CA ALA B 283 -0.86 -14.78 15.20
C ALA B 283 -2.33 -15.10 15.51
N LEU B 284 -3.09 -15.41 14.47
CA LEU B 284 -4.54 -15.62 14.63
C LEU B 284 -4.89 -16.93 15.33
N SER B 285 -4.15 -17.98 15.00
CA SER B 285 -4.45 -19.30 15.54
C SER B 285 -3.71 -19.54 16.86
N GLY B 286 -2.96 -18.54 17.30
CA GLY B 286 -2.20 -18.62 18.53
C GLY B 286 -3.05 -18.50 19.79
N ASP B 287 -2.47 -18.90 20.90
CA ASP B 287 -3.14 -18.88 22.20
C ASP B 287 -3.46 -17.46 22.68
N PRO B 288 -4.75 -17.17 22.97
CA PRO B 288 -5.22 -15.90 23.55
C PRO B 288 -4.48 -15.42 24.79
N GLU B 289 -3.75 -16.30 25.47
CA GLU B 289 -2.92 -15.96 26.63
C GLU B 289 -2.07 -14.71 26.42
N HIS B 290 -1.35 -14.67 25.30
CA HIS B 290 -0.55 -13.51 24.92
C HIS B 290 -1.38 -12.23 25.00
N THR B 291 -2.58 -12.29 24.44
CA THR B 291 -3.40 -11.10 24.26
C THR B 291 -3.99 -10.70 25.59
N GLU B 292 -4.55 -11.68 26.31
CA GLU B 292 -5.05 -11.45 27.67
C GLU B 292 -4.01 -10.79 28.56
N SER B 293 -2.80 -11.29 28.50
CA SER B 293 -1.69 -10.78 29.31
C SER B 293 -1.26 -9.37 28.88
N LEU B 294 -1.32 -9.11 27.59
CA LEU B 294 -1.04 -7.79 27.04
C LEU B 294 -2.08 -6.83 27.54
N LYS B 295 -3.34 -7.23 27.47
CA LYS B 295 -4.43 -6.43 27.99
C LYS B 295 -4.26 -6.01 29.46
N ARG B 296 -3.89 -6.97 30.31
CA ARG B 296 -3.66 -6.72 31.74
C ARG B 296 -2.55 -5.66 31.99
N ILE B 297 -1.46 -5.76 31.24
CA ILE B 297 -0.41 -4.73 31.31
C ILE B 297 -0.94 -3.32 31.05
N TYR B 298 -1.75 -3.17 30.00
CA TYR B 298 -2.25 -1.86 29.64
C TYR B 298 -3.13 -1.33 30.75
N LYS B 299 -3.95 -2.22 31.32
CA LYS B 299 -4.88 -1.79 32.38
C LYS B 299 -4.15 -1.33 33.65
N GLU B 300 -3.15 -2.08 34.07
CA GLU B 300 -2.33 -1.71 35.25
C GLU B 300 -1.60 -0.36 35.04
N ARG B 301 -1.20 -0.08 33.81
CA ARG B 301 -0.63 1.22 33.47
C ARG B 301 -1.64 2.35 33.58
N ILE B 302 -2.88 2.08 33.14
CA ILE B 302 -3.92 3.09 33.21
C ILE B 302 -4.25 3.36 34.67
N ASP B 303 -4.44 2.31 35.46
CA ASP B 303 -4.68 2.43 36.91
C ASP B 303 -3.57 3.23 37.59
N PHE B 304 -2.32 2.84 37.36
CA PHE B 304 -1.16 3.59 37.88
C PHE B 304 -1.17 5.05 37.50
N PHE B 305 -1.25 5.30 36.19
CA PHE B 305 -1.10 6.63 35.64
C PHE B 305 -2.15 7.65 36.13
N THR B 306 -3.44 7.35 35.97
CA THR B 306 -4.53 8.25 36.36
C THR B 306 -4.51 8.52 37.87
N ALA B 307 -4.19 7.49 38.66
CA ALA B 307 -3.99 7.66 40.09
C ALA B 307 -2.89 8.69 40.31
N LEU B 308 -1.69 8.38 39.80
CA LEU B 308 -0.54 9.26 39.95
C LEU B 308 -0.82 10.69 39.51
N CYS B 309 -1.49 10.83 38.36
CA CYS B 309 -1.82 12.14 37.83
C CYS B 309 -2.72 12.99 38.79
N GLU B 310 -3.65 12.34 39.46
CA GLU B 310 -4.47 13.02 40.47
C GLU B 310 -3.64 13.42 41.67
N LYS B 311 -3.04 12.43 42.33
CA LYS B 311 -2.11 12.64 43.45
C LYS B 311 -1.09 13.76 43.25
N GLU B 312 -0.36 13.70 42.15
CA GLU B 312 0.79 14.62 41.95
C GLU B 312 0.42 15.91 41.25
N LEU B 313 -0.61 15.90 40.40
CA LEU B 313 -0.96 17.10 39.62
C LEU B 313 -2.30 17.69 39.92
N GLY B 314 -3.16 16.94 40.61
CA GLY B 314 -4.57 17.30 40.68
C GLY B 314 -5.22 17.22 39.32
N TRP B 315 -4.72 16.34 38.46
CA TRP B 315 -5.26 16.18 37.13
C TRP B 315 -6.16 14.98 37.24
N LYS B 316 -7.47 15.21 37.17
CA LYS B 316 -8.43 14.12 37.24
C LYS B 316 -8.86 13.82 35.83
N MET B 317 -8.93 12.56 35.53
CA MET B 317 -9.24 12.06 34.19
C MET B 317 -10.02 10.78 34.36
N GLU B 318 -11.03 10.60 33.52
CA GLU B 318 -11.80 9.35 33.51
C GLU B 318 -10.93 8.22 32.95
N LYS B 319 -10.90 7.08 33.65
CA LYS B 319 -10.30 5.87 33.13
C LYS B 319 -11.09 5.43 31.90
N PRO B 320 -10.38 5.02 30.81
CA PRO B 320 -11.05 4.51 29.62
C PRO B 320 -11.68 3.12 29.86
N LYS B 321 -12.75 2.81 29.15
CA LYS B 321 -13.35 1.45 29.17
C LYS B 321 -12.55 0.51 28.26
N GLY B 322 -11.87 1.08 27.25
CA GLY B 322 -11.05 0.28 26.33
C GLY B 322 -9.93 1.12 25.74
N THR B 323 -9.11 0.48 24.90
CA THR B 323 -7.89 1.07 24.30
C THR B 323 -6.85 1.29 25.39
N PHE B 324 -5.66 1.71 24.96
CA PHE B 324 -4.63 2.11 25.88
C PHE B 324 -4.53 3.63 25.98
N TYR B 325 -5.59 4.35 25.56
CA TYR B 325 -5.60 5.81 25.51
C TYR B 325 -6.28 6.42 26.76
N VAL B 326 -5.68 7.47 27.28
CA VAL B 326 -6.34 8.34 28.28
C VAL B 326 -6.73 9.65 27.61
N TRP B 327 -7.99 10.06 27.74
CA TRP B 327 -8.51 11.26 27.10
C TRP B 327 -8.71 12.33 28.21
N ALA B 328 -7.85 13.36 28.23
CA ALA B 328 -7.79 14.24 29.40
C ALA B 328 -8.03 15.71 29.06
N GLU B 329 -8.74 16.37 29.96
CA GLU B 329 -9.00 17.80 29.80
C GLU B 329 -7.74 18.66 30.05
N ILE B 330 -7.58 19.66 29.23
CA ILE B 330 -6.46 20.61 29.27
C ILE B 330 -6.78 21.78 30.21
N PRO B 331 -5.75 22.37 30.86
CA PRO B 331 -6.06 23.48 31.80
C PRO B 331 -6.76 24.65 31.13
N ASN B 332 -7.59 25.34 31.91
CA ASN B 332 -8.39 26.49 31.40
C ASN B 332 -7.56 27.72 31.04
N THR B 333 -6.36 27.81 31.64
CA THR B 333 -5.38 28.84 31.29
C THR B 333 -4.92 28.72 29.85
N PHE B 334 -5.03 27.51 29.30
CA PHE B 334 -4.66 27.22 27.94
C PHE B 334 -5.81 27.40 26.96
N GLU B 335 -5.50 28.04 25.85
CA GLU B 335 -6.45 28.44 24.82
C GLU B 335 -6.88 27.29 23.88
N THR B 336 -5.93 26.40 23.56
CA THR B 336 -6.16 25.28 22.62
C THR B 336 -5.39 24.04 23.02
N SER B 337 -5.74 22.94 22.37
CA SER B 337 -5.06 21.67 22.59
C SER B 337 -3.62 21.69 22.07
N HIS B 338 -3.42 22.32 20.91
CA HIS B 338 -2.13 22.39 20.24
C HIS B 338 -1.10 23.19 21.04
N GLN B 339 -1.50 24.33 21.57
CA GLN B 339 -0.55 25.17 22.28
C GLN B 339 -0.26 24.57 23.63
N PHE B 340 -1.18 23.74 24.15
CA PHE B 340 -0.90 23.01 25.37
C PHE B 340 0.10 21.88 25.14
N SER B 341 -0.08 21.16 24.05
CA SER B 341 0.80 20.04 23.76
C SER B 341 2.20 20.54 23.29
N ASP B 342 2.22 21.64 22.54
CA ASP B 342 3.47 22.28 22.15
C ASP B 342 4.31 22.71 23.35
N TYR B 343 3.61 23.10 24.42
CA TYR B 343 4.21 23.63 25.64
C TYR B 343 4.83 22.48 26.45
N LEU B 344 4.10 21.39 26.57
CA LEU B 344 4.59 20.19 27.23
C LEU B 344 5.78 19.61 26.50
N LEU B 345 5.78 19.65 25.18
CA LEU B 345 6.97 19.24 24.43
C LEU B 345 8.17 20.13 24.71
N GLU B 346 7.97 21.43 24.51
CA GLU B 346 9.06 22.38 24.70
C GLU B 346 9.58 22.46 26.15
N HIS B 347 8.71 22.40 27.15
CA HIS B 347 9.04 22.75 28.54
C HIS B 347 9.20 21.55 29.45
N ALA B 348 8.28 20.59 29.39
CA ALA B 348 8.53 19.27 29.92
C ALA B 348 9.12 18.67 28.69
N HIS B 349 9.64 17.50 28.68
CA HIS B 349 10.02 17.06 27.27
C HIS B 349 9.25 15.76 27.11
N VAL B 350 7.96 15.97 26.87
CA VAL B 350 6.98 14.89 26.82
C VAL B 350 6.05 15.18 25.67
N VAL B 351 5.63 14.11 24.96
CA VAL B 351 4.68 14.22 23.86
C VAL B 351 3.28 13.68 24.30
N VAL B 352 2.26 14.49 24.04
CA VAL B 352 0.88 14.06 24.05
C VAL B 352 0.27 14.55 22.78
N THR B 353 -0.87 13.93 22.41
CA THR B 353 -1.48 14.24 21.14
C THR B 353 -2.58 15.26 21.36
N PRO B 354 -2.51 16.43 20.71
CA PRO B 354 -3.57 17.46 20.82
C PRO B 354 -4.91 16.92 20.30
N GLY B 355 -5.97 17.08 21.09
CA GLY B 355 -7.29 16.53 20.74
C GLY B 355 -7.95 17.06 19.50
N GLU B 356 -7.62 18.30 19.13
CA GLU B 356 -8.15 18.98 17.94
C GLU B 356 -7.80 18.25 16.63
N ILE B 357 -6.76 17.43 16.68
CA ILE B 357 -6.45 16.50 15.59
C ILE B 357 -7.61 15.54 15.27
N PHE B 358 -8.38 15.16 16.31
CA PHE B 358 -9.50 14.31 16.15
C PHE B 358 -10.85 15.02 15.78
N GLY B 359 -10.84 16.34 15.67
CA GLY B 359 -12.04 17.13 15.39
C GLY B 359 -12.29 18.21 16.44
N SER B 360 -13.18 19.13 16.08
CA SER B 360 -13.58 20.26 16.94
C SER B 360 -14.00 19.85 18.35
N ASN B 361 -14.63 18.69 18.51
CA ASN B 361 -14.97 18.22 19.87
C ASN B 361 -13.79 17.68 20.68
N GLY B 362 -12.60 17.66 20.10
CA GLY B 362 -11.38 17.36 20.83
C GLY B 362 -10.56 18.59 21.19
N LYS B 363 -11.02 19.79 20.85
CA LYS B 363 -10.34 21.00 21.35
C LYS B 363 -10.51 20.97 22.88
N ARG B 364 -9.50 21.42 23.62
CA ARG B 364 -9.54 21.31 25.11
C ARG B 364 -9.33 19.92 25.73
N HIS B 365 -9.03 18.91 24.91
CA HIS B 365 -8.59 17.61 25.37
C HIS B 365 -7.23 17.20 24.77
N VAL B 366 -6.49 16.39 25.49
CA VAL B 366 -5.38 15.64 24.85
C VAL B 366 -5.56 14.16 25.03
N ARG B 367 -4.98 13.39 24.10
CA ARG B 367 -4.95 11.96 24.19
C ARG B 367 -3.51 11.53 24.62
N ILE B 368 -3.43 10.69 25.61
CA ILE B 368 -2.15 10.18 26.14
C ILE B 368 -2.13 8.67 26.03
N SER B 369 -1.11 8.10 25.34
CA SER B 369 -1.04 6.64 25.17
C SER B 369 -0.16 5.98 26.24
N MET B 370 -0.65 4.89 26.81
CA MET B 370 0.05 4.16 27.85
C MET B 370 1.03 3.17 27.29
N VAL B 371 2.02 3.68 26.55
CA VAL B 371 2.91 2.81 25.79
C VAL B 371 4.36 2.93 26.32
N SER B 372 4.49 3.18 27.62
CA SER B 372 5.74 3.04 28.27
C SER B 372 5.48 2.37 29.61
N LYS B 373 6.53 1.74 30.15
CA LYS B 373 6.43 1.04 31.42
C LYS B 373 6.17 2.05 32.55
N GLN B 374 5.71 1.56 33.69
CA GLN B 374 5.28 2.38 34.82
C GLN B 374 6.27 3.47 35.25
N GLU B 375 7.54 3.10 35.43
CA GLU B 375 8.53 4.05 35.88
C GLU B 375 8.82 5.12 34.83
N ASP B 376 8.59 4.84 33.56
CA ASP B 376 8.63 5.90 32.54
C ASP B 376 7.38 6.81 32.61
N LEU B 377 6.21 6.19 32.81
CA LEU B 377 5.02 6.96 33.10
C LEU B 377 5.22 7.86 34.35
N ARG B 378 5.92 7.35 35.35
CA ARG B 378 6.23 8.16 36.53
C ARG B 378 7.13 9.33 36.20
N GLU B 379 8.11 9.12 35.34
CA GLU B 379 8.99 10.22 34.97
C GLU B 379 8.18 11.28 34.22
N PHE B 380 7.24 10.81 33.40
CA PHE B 380 6.38 11.68 32.62
C PHE B 380 5.66 12.65 33.54
N VAL B 381 5.04 12.13 34.60
CA VAL B 381 4.32 12.96 35.59
C VAL B 381 5.25 13.91 36.27
N THR B 382 6.31 13.36 36.85
CA THR B 382 7.39 14.15 37.45
C THR B 382 7.81 15.37 36.62
N ARG B 383 7.99 15.21 35.30
CA ARG B 383 8.40 16.30 34.46
C ARG B 383 7.35 17.42 34.33
N ILE B 384 6.11 17.01 34.21
CA ILE B 384 5.00 17.94 34.12
C ILE B 384 4.81 18.69 35.46
N GLN B 385 4.91 17.99 36.56
CA GLN B 385 4.82 18.62 37.89
C GLN B 385 5.78 19.81 38.04
N LYS B 386 6.96 19.68 37.47
CA LYS B 386 7.99 20.74 37.52
C LYS B 386 7.52 22.06 36.83
N LEU B 387 6.42 22.00 36.09
CA LEU B 387 5.83 23.17 35.42
C LEU B 387 4.75 23.86 36.28
N ASN B 388 4.30 23.18 37.35
CA ASN B 388 3.14 23.57 38.15
C ASN B 388 2.04 24.29 37.36
N LEU B 389 1.17 23.49 36.77
CA LEU B 389 0.03 24.01 36.03
C LEU B 389 -1.21 23.71 36.84
N PRO B 390 -2.30 24.48 36.61
CA PRO B 390 -3.51 24.30 37.41
C PRO B 390 -4.43 23.25 36.82
N PHE B 391 -4.19 22.00 37.14
CA PHE B 391 -5.02 20.91 36.61
C PHE B 391 -6.31 20.74 37.44
N GLY B 392 -6.72 21.80 38.17
CA GLY B 392 -7.97 21.81 38.91
C GLY B 392 -9.01 22.61 38.15
N SER B 393 -10.28 22.31 38.38
CA SER B 393 -11.40 22.94 37.66
C SER B 393 -12.69 23.00 38.49
#